data_7KS6
# 
_entry.id   7KS6 
# 
_audit_conform.dict_name       mmcif_pdbx.dic 
_audit_conform.dict_version    5.391 
_audit_conform.dict_location   http://mmcif.pdb.org/dictionaries/ascii/mmcif_pdbx.dic 
# 
loop_
_database_2.database_id 
_database_2.database_code 
_database_2.pdbx_database_accession 
_database_2.pdbx_DOI 
PDB   7KS6         pdb_00007ks6 10.2210/pdb7ks6/pdb 
WWPDB D_1000252913 ?            ?                   
BMRB  30815        ?            10.13018/BMR30815   
# 
loop_
_pdbx_audit_revision_history.ordinal 
_pdbx_audit_revision_history.data_content_type 
_pdbx_audit_revision_history.major_revision 
_pdbx_audit_revision_history.minor_revision 
_pdbx_audit_revision_history.revision_date 
1 'Structure model' 1 0 2020-12-16 
2 'Structure model' 1 1 2024-05-01 
# 
_pdbx_audit_revision_details.ordinal             1 
_pdbx_audit_revision_details.revision_ordinal    1 
_pdbx_audit_revision_details.data_content_type   'Structure model' 
_pdbx_audit_revision_details.provider            repository 
_pdbx_audit_revision_details.type                'Initial release' 
_pdbx_audit_revision_details.description         ? 
_pdbx_audit_revision_details.details             ? 
# 
loop_
_pdbx_audit_revision_group.ordinal 
_pdbx_audit_revision_group.revision_ordinal 
_pdbx_audit_revision_group.data_content_type 
_pdbx_audit_revision_group.group 
1 2 'Structure model' 'Data collection'     
2 2 'Structure model' 'Database references' 
# 
loop_
_pdbx_audit_revision_category.ordinal 
_pdbx_audit_revision_category.revision_ordinal 
_pdbx_audit_revision_category.data_content_type 
_pdbx_audit_revision_category.category 
1 2 'Structure model' chem_comp_atom 
2 2 'Structure model' chem_comp_bond 
3 2 'Structure model' database_2     
# 
loop_
_pdbx_audit_revision_item.ordinal 
_pdbx_audit_revision_item.revision_ordinal 
_pdbx_audit_revision_item.data_content_type 
_pdbx_audit_revision_item.item 
1 2 'Structure model' '_database_2.pdbx_DOI'                
2 2 'Structure model' '_database_2.pdbx_database_accession' 
# 
_pdbx_database_status.status_code                     REL 
_pdbx_database_status.status_code_sf                  ? 
_pdbx_database_status.status_code_mr                  REL 
_pdbx_database_status.entry_id                        7KS6 
_pdbx_database_status.recvd_initial_deposition_date   2020-11-21 
_pdbx_database_status.SG_entry                        N 
_pdbx_database_status.deposit_site                    RCSB 
_pdbx_database_status.process_site                    RCSB 
_pdbx_database_status.status_code_cs                  REL 
_pdbx_database_status.status_code_nmr_data            ? 
_pdbx_database_status.methods_development_category    ? 
_pdbx_database_status.pdb_format_compatible           Y 
# 
_pdbx_database_related.db_name        BMRB 
_pdbx_database_related.details        'STRUCTURE OF TETRASACCHARIDE BUILDING BLOCK OF A SULFATED FUCAN FROM LYTECHINUS VARIEGATUS' 
_pdbx_database_related.db_id          30815 
_pdbx_database_related.content_type   unspecified 
# 
loop_
_audit_author.name 
_audit_author.pdbx_ordinal 
_audit_author.identifier_ORCID 
'Kim, S.B.'        1 0000-0001-8015-1404 
'Thara, R.'        2 0000-0003-0931-5220 
'Aderibigbe, A.O.' 3 0000-0002-0391-5244 
'Doerksen, R.J.'   4 0000-0002-3789-1842 
'Pomin, V.H.'      5 0000-0002-5015-8880 
# 
_citation.abstract                  ? 
_citation.abstract_id_CAS           ? 
_citation.book_id_ISBN              ? 
_citation.book_publisher            ? 
_citation.book_publisher_city       ? 
_citation.book_title                ? 
_citation.coordinate_linkage        ? 
_citation.country                   US 
_citation.database_id_Medline       ? 
_citation.details                   ? 
_citation.id                        primary 
_citation.journal_abbrev            J.Struct.Biol. 
_citation.journal_id_ASTM           JSBIEM 
_citation.journal_id_CSD            0803 
_citation.journal_id_ISSN           1095-8657 
_citation.journal_full              ? 
_citation.journal_issue             ? 
_citation.journal_volume            209 
_citation.language                  ? 
_citation.page_first                107407 
_citation.page_last                 107407 
_citation.title                     
'Conformational properties of l-fucose and the tetrasaccharide building block of the sulfated l-fucan from Lytechinus variegatus.' 
_citation.year                      2020 
_citation.database_id_CSD           ? 
_citation.pdbx_database_id_DOI      10.1016/j.jsb.2019.107407 
_citation.pdbx_database_id_PubMed   31698075 
_citation.unpublished_flag          ? 
# 
loop_
_citation_author.citation_id 
_citation_author.name 
_citation_author.ordinal 
_citation_author.identifier_ORCID 
primary 'Bezerra, F.F.'    1 ?                   
primary 'Vignovich, W.P.'  2 ?                   
primary 'Aderibigbe, A.O.' 3 0000-0002-0391-5244 
primary 'Liu, H.'          4 0000-0002-3059-4351 
primary 'Sharp, J.S.'      5 0000-0002-0115-0276 
primary 'Doerksen, R.J.'   6 0000-0002-3789-1842 
primary 'Pomin, V.H.'      7 0000-0002-5015-8880 
# 
_entity.id                         1 
_entity.type                       branched 
_entity.src_method                 nat 
_entity.pdbx_description           
;4-O-sulfo-alpha-L-fucopyranose-(1-3)-2,4-di-O-sulfo-alpha-L-fucopyranose-(1-3)-2-O-sulfo-alpha-L-fucopyranose-(1-3)-2-O-sulfo-alpha-L-fucopyranose
;
_entity.formula_weight             1002.897 
_entity.pdbx_number_of_molecules   1 
_entity.pdbx_ec                    ? 
_entity.pdbx_mutation              ? 
_entity.pdbx_fragment              ? 
_entity.details                    ? 
# 
_entity_src_nat.entity_id                  1 
_entity_src_nat.pdbx_src_id                1 
_entity_src_nat.pdbx_alt_source_flag       sample 
_entity_src_nat.pdbx_beg_seq_num           1 
_entity_src_nat.pdbx_end_seq_num           4 
_entity_src_nat.common_name                ? 
_entity_src_nat.pdbx_organism_scientific   'Lytechinus variegatus' 
_entity_src_nat.pdbx_ncbi_taxonomy_id      7654 
_entity_src_nat.genus                      ? 
_entity_src_nat.species                    ? 
_entity_src_nat.strain                     ? 
_entity_src_nat.tissue                     ? 
_entity_src_nat.tissue_fraction            ? 
_entity_src_nat.pdbx_secretion             ? 
_entity_src_nat.pdbx_fragment              ? 
_entity_src_nat.pdbx_variant               ? 
_entity_src_nat.pdbx_cell_line             ? 
_entity_src_nat.pdbx_atcc                  ? 
_entity_src_nat.pdbx_cellular_location     ? 
_entity_src_nat.pdbx_organ                 ? 
_entity_src_nat.pdbx_organelle             ? 
_entity_src_nat.pdbx_cell                  ? 
_entity_src_nat.pdbx_plasmid_name          ? 
_entity_src_nat.pdbx_plasmid_details       ? 
_entity_src_nat.details                    ? 
# 
_pdbx_entity_branch.entity_id   1 
_pdbx_entity_branch.type        oligosaccharide 
# 
_pdbx_entity_branch_descriptor.ordinal           1 
_pdbx_entity_branch_descriptor.entity_id         1 
_pdbx_entity_branch_descriptor.descriptor        
'[][a-L-Fucp2SO3]{[(3+1)][a-L-Fucp2SO3]{[(3+1)][a-L-Fucp2SO34SO3]{[(3+1)][a-L-Fucp4SO3]{}}}}' 
_pdbx_entity_branch_descriptor.type              LINUCS 
_pdbx_entity_branch_descriptor.program           PDB-CARE 
_pdbx_entity_branch_descriptor.program_version   ? 
# 
loop_
_pdbx_entity_branch_link.link_id 
_pdbx_entity_branch_link.entity_id 
_pdbx_entity_branch_link.entity_branch_list_num_1 
_pdbx_entity_branch_link.comp_id_1 
_pdbx_entity_branch_link.atom_id_1 
_pdbx_entity_branch_link.leaving_atom_id_1 
_pdbx_entity_branch_link.entity_branch_list_num_2 
_pdbx_entity_branch_link.comp_id_2 
_pdbx_entity_branch_link.atom_id_2 
_pdbx_entity_branch_link.leaving_atom_id_2 
_pdbx_entity_branch_link.value_order 
_pdbx_entity_branch_link.details 
1 1 2 X6Y C1 H1 1 X6Y O3 HO3 sing ? 
2 1 3 X2Y C1 O1 2 X6Y O3 HO3 sing ? 
3 1 4 X34 C1 O1 3 X2Y O3 HO3 sing ? 
# 
loop_
_chem_comp.id 
_chem_comp.type 
_chem_comp.mon_nstd_flag 
_chem_comp.name 
_chem_comp.pdbx_synonyms 
_chem_comp.formula 
_chem_comp.formula_weight 
X2Y 'L-saccharide, alpha linking' n 2,4-di-O-sulfo-alpha-L-fucopyranose 6-deoxy-2,4-di-O-sulfo-alpha-L-galactopyranose 
'C6 H12 O11 S2' 324.283 
X34 'L-saccharide, alpha linking' n 4-O-sulfo-alpha-L-fucopyranose      6-deoxy-4-O-sulfo-alpha-L-galactopyranose      
'C6 H12 O8 S'   244.220 
X6Y 'L-saccharide, alpha linking' n 2-O-sulfo-alpha-L-fucopyranose      6-deoxy-2-O-sulfo-alpha-L-galactopyranose      
'C6 H12 O8 S'   244.220 
# 
loop_
_pdbx_branch_scheme.asym_id 
_pdbx_branch_scheme.entity_id 
_pdbx_branch_scheme.mon_id 
_pdbx_branch_scheme.num 
_pdbx_branch_scheme.pdb_asym_id 
_pdbx_branch_scheme.pdb_mon_id 
_pdbx_branch_scheme.pdb_seq_num 
_pdbx_branch_scheme.auth_asym_id 
_pdbx_branch_scheme.auth_mon_id 
_pdbx_branch_scheme.auth_seq_num 
_pdbx_branch_scheme.hetero 
A 1 X6Y 1 B X6Y 1 A A 4 n 
A 1 X6Y 2 B X6Y 2 A C 3 n 
A 1 X2Y 3 B X2Y 3 A B 2 n 
A 1 X34 4 B X34 4 A D 1 n 
# 
_exptl.absorpt_coefficient_mu     ? 
_exptl.absorpt_correction_T_max   ? 
_exptl.absorpt_correction_T_min   ? 
_exptl.absorpt_correction_type    ? 
_exptl.absorpt_process_details    ? 
_exptl.entry_id                   7KS6 
_exptl.crystals_number            ? 
_exptl.details                    ? 
_exptl.method                     'SOLUTION NMR' 
_exptl.method_details             ? 
# 
_struct.entry_id                     7KS6 
_struct.title                        'STRUCTURE OF TETRASACCHARIDE BUILDING BLOCK OF A SULFATED FUCAN FROM LYTECHINUS VARIEGATUS' 
_struct.pdbx_model_details           ? 
_struct.pdbx_formula_weight          ? 
_struct.pdbx_formula_weight_method   ? 
_struct.pdbx_model_type_details      ? 
_struct.pdbx_CASP_flag               N 
# 
_struct_keywords.entry_id        7KS6 
_struct_keywords.text            'SULFATED FUCAN, TETRASACCHARIDE, CARBOHYDRATE, CARBOHYDRATE UNIT' 
_struct_keywords.pdbx_keywords   CARBOHYDRATE 
# 
_struct_asym.id                            A 
_struct_asym.pdbx_blank_PDB_chainid_flag   N 
_struct_asym.pdbx_modified                 N 
_struct_asym.entity_id                     1 
_struct_asym.details                       ? 
# 
_pdbx_struct_assembly.id                   1 
_pdbx_struct_assembly.details              author_defined_assembly 
_pdbx_struct_assembly.method_details       ? 
_pdbx_struct_assembly.oligomeric_details   monomeric 
_pdbx_struct_assembly.oligomeric_count     1 
# 
_pdbx_struct_assembly_gen.assembly_id       1 
_pdbx_struct_assembly_gen.oper_expression   1 
_pdbx_struct_assembly_gen.asym_id_list      A 
# 
_pdbx_struct_assembly_auth_evidence.id                     1 
_pdbx_struct_assembly_auth_evidence.assembly_id            1 
_pdbx_struct_assembly_auth_evidence.experimental_support   'NMR relaxation study' 
_pdbx_struct_assembly_auth_evidence.details                ? 
# 
_pdbx_struct_oper_list.id                   1 
_pdbx_struct_oper_list.type                 'identity operation' 
_pdbx_struct_oper_list.name                 1_555 
_pdbx_struct_oper_list.symmetry_operation   ? 
_pdbx_struct_oper_list.matrix[1][1]         1.0000000000 
_pdbx_struct_oper_list.matrix[1][2]         0.0000000000 
_pdbx_struct_oper_list.matrix[1][3]         0.0000000000 
_pdbx_struct_oper_list.vector[1]            0.0000000000 
_pdbx_struct_oper_list.matrix[2][1]         0.0000000000 
_pdbx_struct_oper_list.matrix[2][2]         1.0000000000 
_pdbx_struct_oper_list.matrix[2][3]         0.0000000000 
_pdbx_struct_oper_list.vector[2]            0.0000000000 
_pdbx_struct_oper_list.matrix[3][1]         0.0000000000 
_pdbx_struct_oper_list.matrix[3][2]         0.0000000000 
_pdbx_struct_oper_list.matrix[3][3]         1.0000000000 
_pdbx_struct_oper_list.vector[3]            0.0000000000 
# 
loop_
_struct_conn.id 
_struct_conn.conn_type_id 
_struct_conn.pdbx_leaving_atom_flag 
_struct_conn.pdbx_PDB_id 
_struct_conn.ptnr1_label_asym_id 
_struct_conn.ptnr1_label_comp_id 
_struct_conn.ptnr1_label_seq_id 
_struct_conn.ptnr1_label_atom_id 
_struct_conn.pdbx_ptnr1_label_alt_id 
_struct_conn.pdbx_ptnr1_PDB_ins_code 
_struct_conn.pdbx_ptnr1_standard_comp_id 
_struct_conn.ptnr1_symmetry 
_struct_conn.ptnr2_label_asym_id 
_struct_conn.ptnr2_label_comp_id 
_struct_conn.ptnr2_label_seq_id 
_struct_conn.ptnr2_label_atom_id 
_struct_conn.pdbx_ptnr2_label_alt_id 
_struct_conn.pdbx_ptnr2_PDB_ins_code 
_struct_conn.ptnr1_auth_asym_id 
_struct_conn.ptnr1_auth_comp_id 
_struct_conn.ptnr1_auth_seq_id 
_struct_conn.ptnr2_auth_asym_id 
_struct_conn.ptnr2_auth_comp_id 
_struct_conn.ptnr2_auth_seq_id 
_struct_conn.ptnr2_symmetry 
_struct_conn.pdbx_ptnr3_label_atom_id 
_struct_conn.pdbx_ptnr3_label_seq_id 
_struct_conn.pdbx_ptnr3_label_comp_id 
_struct_conn.pdbx_ptnr3_label_asym_id 
_struct_conn.pdbx_ptnr3_label_alt_id 
_struct_conn.pdbx_ptnr3_PDB_ins_code 
_struct_conn.details 
_struct_conn.pdbx_dist_value 
_struct_conn.pdbx_value_order 
_struct_conn.pdbx_role 
covale1 covale none ? A X6Y . O3 ? ? ? 1_555 A X6Y . C1 ? ? B X6Y 1 B X6Y 2 1_555 ? ? ? ? ? ? ? 1.399 ? ? 
covale2 covale one  ? A X6Y . O3 ? ? ? 1_555 A X2Y . C1 ? ? B X6Y 2 B X2Y 3 1_555 ? ? ? ? ? ? ? 1.399 ? ? 
covale3 covale both ? A X2Y . O3 ? ? ? 1_555 A X34 . C1 ? ? B X2Y 3 B X34 4 1_555 ? ? ? ? ? ? ? 1.402 ? ? 
# 
_struct_conn_type.id          covale 
_struct_conn_type.criteria    ? 
_struct_conn_type.reference   ? 
# 
_pdbx_entry_details.entry_id                 7KS6 
_pdbx_entry_details.has_ligand_of_interest   Y 
_pdbx_entry_details.compound_details         ? 
_pdbx_entry_details.source_details           ? 
_pdbx_entry_details.nonpolymer_details       ? 
_pdbx_entry_details.sequence_details         ? 
# 
_pdbx_nmr_ensemble.entry_id                                      7KS6 
_pdbx_nmr_ensemble.conformers_calculated_total_number            10 
_pdbx_nmr_ensemble.conformers_submitted_total_number             10 
_pdbx_nmr_ensemble.conformer_selection_criteria                  'back calculated data agree with experimental NOESY spectrum' 
_pdbx_nmr_ensemble.representative_conformer                      ? 
_pdbx_nmr_ensemble.average_constraints_per_residue               ? 
_pdbx_nmr_ensemble.average_constraint_violations_per_residue     ? 
_pdbx_nmr_ensemble.maximum_distance_constraint_violation         ? 
_pdbx_nmr_ensemble.average_distance_constraint_violation         ? 
_pdbx_nmr_ensemble.maximum_upper_distance_constraint_violation   ? 
_pdbx_nmr_ensemble.maximum_lower_distance_constraint_violation   ? 
_pdbx_nmr_ensemble.distance_constraint_violation_method          ? 
_pdbx_nmr_ensemble.maximum_torsion_angle_constraint_violation    ? 
_pdbx_nmr_ensemble.average_torsion_angle_constraint_violation    ? 
_pdbx_nmr_ensemble.torsion_angle_constraint_violation_method     ? 
# 
_pdbx_nmr_representative.entry_id             7KS6 
_pdbx_nmr_representative.conformer_id         1 
_pdbx_nmr_representative.selection_criteria   'closest to the average' 
# 
_pdbx_nmr_sample_details.solution_id      1 
_pdbx_nmr_sample_details.contents         '12.5 mg/mL NA-H,C,N Sulfated fucan, 100% D2O' 
_pdbx_nmr_sample_details.solvent_system   '100% D2O' 
_pdbx_nmr_sample_details.label            1H13C_HSQC 
_pdbx_nmr_sample_details.type             solution 
_pdbx_nmr_sample_details.details          'The sample was analyzed 100% D2O at 25-celsius degree' 
# 
_pdbx_nmr_exptl_sample.solution_id           1 
_pdbx_nmr_exptl_sample.component             'Sulfated fucan' 
_pdbx_nmr_exptl_sample.concentration         12.5 
_pdbx_nmr_exptl_sample.concentration_range   ? 
_pdbx_nmr_exptl_sample.concentration_units   mg/mL 
_pdbx_nmr_exptl_sample.isotopic_labeling     NA-H,C,N 
# 
_pdbx_nmr_exptl_sample_conditions.conditions_id          1 
_pdbx_nmr_exptl_sample_conditions.temperature            298.15 
_pdbx_nmr_exptl_sample_conditions.pressure_units         atm 
_pdbx_nmr_exptl_sample_conditions.pressure               1 
_pdbx_nmr_exptl_sample_conditions.pH                     7.0 
_pdbx_nmr_exptl_sample_conditions.ionic_strength         0 
_pdbx_nmr_exptl_sample_conditions.details                ? 
_pdbx_nmr_exptl_sample_conditions.ionic_strength_err     0 
_pdbx_nmr_exptl_sample_conditions.ionic_strength_units   mM 
_pdbx_nmr_exptl_sample_conditions.label                  conditions_1 
_pdbx_nmr_exptl_sample_conditions.pH_err                 0.05 
_pdbx_nmr_exptl_sample_conditions.pH_units               pH 
_pdbx_nmr_exptl_sample_conditions.pressure_err           0.1 
_pdbx_nmr_exptl_sample_conditions.temperature_err        0.001 
_pdbx_nmr_exptl_sample_conditions.temperature_units      K 
# 
_pdbx_nmr_exptl.experiment_id     1 
_pdbx_nmr_exptl.conditions_id     1 
_pdbx_nmr_exptl.solution_id       1 
_pdbx_nmr_exptl.type              '2D 1H-13C HSQC' 
_pdbx_nmr_exptl.spectrometer_id   1 
_pdbx_nmr_exptl.sample_state      isotropic 
# 
_pdbx_nmr_refine.entry_id           7KS6 
_pdbx_nmr_refine.method             'distance geometry' 
_pdbx_nmr_refine.details            ? 
_pdbx_nmr_refine.software_ordinal   1 
# 
loop_
_pdbx_nmr_software.ordinal 
_pdbx_nmr_software.classification 
_pdbx_nmr_software.name 
_pdbx_nmr_software.version 
_pdbx_nmr_software.authors 
1 'chemical shift assignment' 'MestreLab (Mnova / MestReNova / MestReC)' ? 'Mestrelab Research'                                
2 'chemical shift assignment' NMRPipe                                    ? 'Delaglio, Grzesiek, Vuister, Zhu, Pfeifer and Bax' 
3 'peak picking'              'MestreLab (Mnova / MestReNova / MestReC)' ? 'Mestrelab Research'                                
4 'structure calculation'     MacroModel                                 ? ?                                                   
# 
loop_
_chem_comp_atom.comp_id 
_chem_comp_atom.atom_id 
_chem_comp_atom.type_symbol 
_chem_comp_atom.pdbx_aromatic_flag 
_chem_comp_atom.pdbx_stereo_config 
_chem_comp_atom.pdbx_ordinal 
X2Y C5  C N S 1  
X2Y C4  C N S 2  
X2Y C3  C N R 3  
X2Y C2  C N S 4  
X2Y C1  C N R 5  
X2Y O5  O N N 6  
X2Y C6  C N N 7  
X2Y O3  O N N 8  
X2Y S1  S N N 9  
X2Y O6  O N N 10 
X2Y O7  O N N 11 
X2Y O8  O N N 12 
X2Y O2  O N N 13 
X2Y S2  S N N 14 
X2Y O9  O N N 15 
X2Y O10 O N N 16 
X2Y O11 O N N 17 
X2Y O4  O N N 18 
X2Y H5  H N N 19 
X2Y H4  H N N 20 
X2Y H3  H N N 21 
X2Y H2  H N N 22 
X2Y H1  H N N 23 
X2Y H61 H N N 24 
X2Y H63 H N N 25 
X2Y H62 H N N 26 
X2Y HO3 H N N 27 
X2Y O1  O N N 28 
X2Y H9  H N N 29 
X2Y H11 H N N 30 
X2Y HO1 H N N 31 
X34 C5  C N S 32 
X34 C4  C N S 33 
X34 C3  C N S 34 
X34 C2  C N S 35 
X34 C1  C N R 36 
X34 O5  O N N 37 
X34 C6  C N N 38 
X34 O3  O N N 39 
X34 O2  O N N 40 
X34 S1  S N N 41 
X34 O6  O N N 42 
X34 O7  O N N 43 
X34 O8  O N N 44 
X34 O4  O N N 45 
X34 H5  H N N 46 
X34 H4  H N N 47 
X34 H3  H N N 48 
X34 H2  H N N 49 
X34 H1  H N N 50 
X34 H63 H N N 51 
X34 H62 H N N 52 
X34 H61 H N N 53 
X34 HO3 H N N 54 
X34 HO2 H N N 55 
X34 O1  O N N 56 
X34 H6  H N N 57 
X34 HO1 H N N 58 
X6Y C5  C N S 59 
X6Y C6  C N N 60 
X6Y C2  C N S 61 
X6Y C4  C N S 62 
X6Y C3  C N R 63 
X6Y C1  C N R 64 
X6Y O5  O N N 65 
X6Y O4  O N N 66 
X6Y O1  O N N 67 
X6Y O3  O N N 68 
X6Y S1  S N N 69 
X6Y O6  O N N 70 
X6Y O7  O N N 71 
X6Y O8  O N N 72 
X6Y O2  O N N 73 
X6Y H5  H N N 74 
X6Y H61 H N N 75 
X6Y H63 H N N 76 
X6Y H62 H N N 77 
X6Y H2  H N N 78 
X6Y H4  H N N 79 
X6Y H3  H N N 80 
X6Y H1  H N N 81 
X6Y HO4 H N N 82 
X6Y HO1 H N N 83 
X6Y HO3 H N N 84 
X6Y H10 H N N 85 
# 
loop_
_chem_comp_bond.comp_id 
_chem_comp_bond.atom_id_1 
_chem_comp_bond.atom_id_2 
_chem_comp_bond.value_order 
_chem_comp_bond.pdbx_aromatic_flag 
_chem_comp_bond.pdbx_stereo_config 
_chem_comp_bond.pdbx_ordinal 
X2Y O7  S1  doub N N 1  
X2Y O8  S1  doub N N 2  
X2Y O6  S1  sing N N 3  
X2Y S1  O2  sing N N 4  
X2Y O2  C2  sing N N 5  
X2Y C2  C1  sing N N 6  
X2Y C2  C3  sing N N 7  
X2Y C1  O5  sing N N 8  
X2Y O5  C5  sing N N 9  
X2Y O3  C3  sing N N 10 
X2Y C3  C4  sing N N 11 
X2Y O4  C4  sing N N 12 
X2Y O4  S2  sing N N 13 
X2Y C5  C4  sing N N 14 
X2Y C5  C6  sing N N 15 
X2Y O9  S2  doub N N 16 
X2Y O10 S2  doub N N 17 
X2Y S2  O11 sing N N 18 
X2Y C5  H5  sing N N 19 
X2Y C4  H4  sing N N 20 
X2Y C3  H3  sing N N 21 
X2Y C2  H2  sing N N 22 
X2Y C1  H1  sing N N 23 
X2Y C6  H61 sing N N 24 
X2Y C6  H63 sing N N 25 
X2Y C6  H62 sing N N 26 
X2Y O3  HO3 sing N N 27 
X2Y C1  O1  sing N N 28 
X2Y O6  H9  sing N N 29 
X2Y O11 H11 sing N N 30 
X2Y O1  HO1 sing N N 31 
X34 O7  S1  doub N N 32 
X34 C6  C5  sing N N 33 
X34 O8  S1  doub N N 34 
X34 S1  O6  sing N N 35 
X34 S1  O4  sing N N 36 
X34 C5  C4  sing N N 37 
X34 C5  O5  sing N N 38 
X34 C4  O4  sing N N 39 
X34 C4  C3  sing N N 40 
X34 C3  O3  sing N N 41 
X34 C3  C2  sing N N 42 
X34 O5  C1  sing N N 43 
X34 C1  C2  sing N N 44 
X34 C2  O2  sing N N 45 
X34 C5  H5  sing N N 46 
X34 C4  H4  sing N N 47 
X34 C3  H3  sing N N 48 
X34 C2  H2  sing N N 49 
X34 C1  H1  sing N N 50 
X34 C6  H63 sing N N 51 
X34 C6  H62 sing N N 52 
X34 C6  H61 sing N N 53 
X34 O3  HO3 sing N N 54 
X34 O2  HO2 sing N N 55 
X34 C1  O1  sing N N 56 
X34 O6  H6  sing N N 57 
X34 O1  HO1 sing N N 58 
X6Y O8  S1  doub N N 59 
X6Y O2  S1  sing N N 60 
X6Y O2  C2  sing N N 61 
X6Y S1  O6  doub N N 62 
X6Y S1  O7  sing N N 63 
X6Y O1  C1  sing N N 64 
X6Y O3  C3  sing N N 65 
X6Y C2  C3  sing N N 66 
X6Y C2  C1  sing N N 67 
X6Y C3  C4  sing N N 68 
X6Y C1  O5  sing N N 69 
X6Y C4  C5  sing N N 70 
X6Y C4  O4  sing N N 71 
X6Y O5  C5  sing N N 72 
X6Y C5  C6  sing N N 73 
X6Y C5  H5  sing N N 74 
X6Y C6  H61 sing N N 75 
X6Y C6  H63 sing N N 76 
X6Y C6  H62 sing N N 77 
X6Y C2  H2  sing N N 78 
X6Y C4  H4  sing N N 79 
X6Y C3  H3  sing N N 80 
X6Y C1  H1  sing N N 81 
X6Y O4  HO4 sing N N 82 
X6Y O1  HO1 sing N N 83 
X6Y O3  HO3 sing N N 84 
X6Y O7  H10 sing N N 85 
# 
loop_
_pdbx_audit_support.funding_organization 
_pdbx_audit_support.country 
_pdbx_audit_support.grant_number 
_pdbx_audit_support.ordinal 
'Brazilian National Council for Scientific and Technological Development (CNPq)'           Brazil          442311/2014-1 1 
'Brazilian National Council for Scientific and Technological Development (CNPq)'           Brazil          304059/2017-0 2 
'National Institutes of Health/National Institute of General Medical Sciences (NIH/NIGMS)' 'United States' 
'1P20GM130460-01A1 sub-project 7936' 3 
'Foundation Carlos Chagas Filho Research Support of the State of Rio de Janeiro (FAPERJ)'  Brazil          
'JCNE E-26/203.234/2017'             4 
'University of Mississippi'                                                                'United States' ? 5 
'American Association of Colleges of Pharmacy'                                             'United States' ? 6 
# 
loop_
_pdbx_entity_branch_list.entity_id 
_pdbx_entity_branch_list.comp_id 
_pdbx_entity_branch_list.num 
_pdbx_entity_branch_list.hetero 
1 X6Y 1 n 
1 X6Y 2 n 
1 X2Y 3 n 
1 X34 4 n 
# 
_pdbx_nmr_spectrometer.spectrometer_id   1 
_pdbx_nmr_spectrometer.model             Bruker 
_pdbx_nmr_spectrometer.type              ? 
_pdbx_nmr_spectrometer.manufacturer      Bruker 
_pdbx_nmr_spectrometer.field_strength    600.13 
_pdbx_nmr_spectrometer.details           'DRX, triple resonance probe' 
# 
_atom_sites.entry_id                    7KS6 
_atom_sites.Cartn_transf_matrix[1][1]   ? 
_atom_sites.Cartn_transf_matrix[1][2]   ? 
_atom_sites.Cartn_transf_matrix[1][3]   ? 
_atom_sites.Cartn_transf_matrix[2][1]   ? 
_atom_sites.Cartn_transf_matrix[2][2]   ? 
_atom_sites.Cartn_transf_matrix[2][3]   ? 
_atom_sites.Cartn_transf_matrix[3][1]   ? 
_atom_sites.Cartn_transf_matrix[3][2]   ? 
_atom_sites.Cartn_transf_matrix[3][3]   ? 
_atom_sites.Cartn_transf_vector[1]      ? 
_atom_sites.Cartn_transf_vector[2]      ? 
_atom_sites.Cartn_transf_vector[3]      ? 
_atom_sites.fract_transf_matrix[1][1]   1.000000 
_atom_sites.fract_transf_matrix[1][2]   0.000000 
_atom_sites.fract_transf_matrix[1][3]   0.000000 
_atom_sites.fract_transf_matrix[2][1]   0.000000 
_atom_sites.fract_transf_matrix[2][2]   1.000000 
_atom_sites.fract_transf_matrix[2][3]   0.000000 
_atom_sites.fract_transf_matrix[3][1]   0.000000 
_atom_sites.fract_transf_matrix[3][2]   0.000000 
_atom_sites.fract_transf_matrix[3][3]   1.000000 
_atom_sites.fract_transf_vector[1]      0.00000 
_atom_sites.fract_transf_vector[2]      0.00000 
_atom_sites.fract_transf_vector[3]      0.00000 
_atom_sites.solution_primary            ? 
_atom_sites.solution_secondary          ? 
_atom_sites.solution_hydrogens          ? 
_atom_sites.special_details             ? 
# 
loop_
_atom_type.symbol 
C 
H 
O 
S 
# 
loop_
_atom_site.group_PDB 
_atom_site.id 
_atom_site.type_symbol 
_atom_site.label_atom_id 
_atom_site.label_alt_id 
_atom_site.label_comp_id 
_atom_site.label_asym_id 
_atom_site.label_entity_id 
_atom_site.label_seq_id 
_atom_site.pdbx_PDB_ins_code 
_atom_site.Cartn_x 
_atom_site.Cartn_y 
_atom_site.Cartn_z 
_atom_site.occupancy 
_atom_site.B_iso_or_equiv 
_atom_site.pdbx_formal_charge 
_atom_site.auth_seq_id 
_atom_site.auth_comp_id 
_atom_site.auth_asym_id 
_atom_site.auth_atom_id 
_atom_site.pdbx_PDB_model_num 
HETATM 1   C C5  . X6Y A 1 . ? 5.760  -2.471 -4.994 1.00 0.00 ?  1 X6Y B C5  1  
HETATM 2   C C6  . X6Y A 1 . ? 6.721  -3.665 -4.879 1.00 0.00 ?  1 X6Y B C6  1  
HETATM 3   C C2  . X6Y A 1 . ? 4.583  0.034  -4.149 1.00 0.00 ?  1 X6Y B C2  1  
HETATM 4   C C4  . X6Y A 1 . ? 4.557  -2.519 -4.012 1.00 0.00 ?  1 X6Y B C4  1  
HETATM 5   C C3  . X6Y A 1 . ? 3.727  -1.215 -4.105 1.00 0.00 ?  1 X6Y B C3  1  
HETATM 6   C C1  . X6Y A 1 . ? 5.822  -0.076 -5.060 1.00 0.00 ?  1 X6Y B C1  1  
HETATM 7   O O5  . X6Y A 1 . ? 6.525  -1.268 -4.819 1.00 0.00 ?  1 X6Y B O5  1  
HETATM 8   O O4  . X6Y A 1 . ? 4.930  -2.810 -2.666 1.00 0.00 ?  1 X6Y B O4  1  
HETATM 9   O O1  . X6Y A 1 . ? 5.441  0.015  -6.373 1.00 0.00 ?  1 X6Y B O1  1  
HETATM 10  O O3  . X6Y A 1 . ? 2.705  -1.081 -3.100 1.00 0.00 ?  1 X6Y B O3  1  
HETATM 11  S S1  . X6Y A 1 . ? 4.011  2.468  -3.268 1.00 0.00 ?  1 X6Y B S1  1  
HETATM 12  O O6  . X6Y A 1 . ? 3.446  1.920  -2.036 1.00 0.00 -1 1 X6Y B O6  1  
HETATM 13  O O7  . X6Y A 1 . ? 5.454  2.716  -3.215 1.00 0.00 ?  1 X6Y B O7  1  
HETATM 14  O O8  . X6Y A 1 . ? 3.235  3.564  -3.851 1.00 0.00 ?  1 X6Y B O8  1  
HETATM 15  O O2  . X6Y A 1 . ? 3.848  1.242  -4.372 1.00 0.00 ?  1 X6Y B O2  1  
HETATM 16  H H5  . X6Y A 1 . ? 5.365  -2.495 -6.013 1.00 0.00 ?  1 X6Y B H5  1  
HETATM 17  H H61 . X6Y A 1 . ? 7.229  -3.677 -3.914 1.00 0.00 ?  1 X6Y B H61 1  
HETATM 18  H H63 . X6Y A 1 . ? 7.487  -3.627 -5.654 1.00 0.00 ?  1 X6Y B H63 1  
HETATM 19  H H62 . X6Y A 1 . ? 6.189  -4.611 -4.988 1.00 0.00 ?  1 X6Y B H62 1  
HETATM 20  H H2  . X6Y A 1 . ? 4.916  -0.014 -3.153 1.00 0.00 ?  1 X6Y B H2  1  
HETATM 21  H H4  . X6Y A 1 . ? 3.932  -3.349 -4.336 1.00 0.00 ?  1 X6Y B H4  1  
HETATM 22  H H3  . X6Y A 1 . ? 3.287  -1.135 -5.052 1.00 0.00 ?  1 X6Y B H3  1  
HETATM 23  H H1  . X6Y A 1 . ? 6.563  0.685  -4.810 1.00 0.00 ?  1 X6Y B H1  1  
HETATM 24  H HO4 . X6Y A 1 . ? 4.129  -3.182 -2.229 1.00 0.00 ?  1 X6Y B HO4 1  
HETATM 25  H HO1 . X6Y A 1 . ? 6.240  0.248  -6.863 1.00 0.00 ?  1 X6Y B HO1 1  
HETATM 26  C C5  . X6Y A 1 . ? 0.496  0.477  -4.201 1.00 0.00 ?  2 X6Y B C5  1  
HETATM 27  C C6  . X6Y A 1 . ? 0.014  1.113  -5.514 1.00 0.00 ?  2 X6Y B C6  1  
HETATM 28  C C2  . X6Y A 1 . ? 0.569  -1.522 -2.106 1.00 0.00 ?  2 X6Y B C2  1  
HETATM 29  C C4  . X6Y A 1 . ? -0.512 0.591  -3.031 1.00 0.00 ?  2 X6Y B C4  1  
HETATM 30  C C3  . X6Y A 1 . ? 0.098  -0.104 -1.793 1.00 0.00 ?  2 X6Y B C3  1  
HETATM 31  C C1  . X6Y A 1 . ? 1.434  -1.583 -3.397 1.00 0.00 ?  2 X6Y B C1  1  
HETATM 32  O O5  . X6Y A 1 . ? 0.838  -0.890 -4.470 1.00 0.00 ?  2 X6Y B O5  1  
HETATM 33  O O4  . X6Y A 1 . ? -1.802 0.073  -3.356 1.00 0.00 ?  2 X6Y B O4  1  
HETATM 34  O O3  . X6Y A 1 . ? -0.766 -0.116 -0.644 1.00 0.00 ?  2 X6Y B O3  1  
HETATM 35  S S1  . X6Y A 1 . ? 1.511  -3.709 -0.902 1.00 0.00 ?  2 X6Y B S1  1  
HETATM 36  O O6  . X6Y A 1 . ? 2.705  -3.865 -1.733 1.00 0.00 -1 2 X6Y B O6  1  
HETATM 37  O O7  . X6Y A 1 . ? 1.741  -3.980 0.518  1.00 0.00 ?  2 X6Y B O7  1  
HETATM 38  O O8  . X6Y A 1 . ? 0.311  -4.348 -1.446 1.00 0.00 ?  2 X6Y B O8  1  
HETATM 39  O O2  . X6Y A 1 . ? 1.192  -2.081 -0.945 1.00 0.00 ?  2 X6Y B O2  1  
HETATM 40  H H5  . X6Y A 1 . ? 1.401  1.012  -3.910 1.00 0.00 ?  2 X6Y B H5  1  
HETATM 41  H H61 . X6Y A 1 . ? -0.851 0.585  -5.919 1.00 0.00 ?  2 X6Y B H61 1  
HETATM 42  H H63 . X6Y A 1 . ? 0.799  1.089  -6.269 1.00 0.00 ?  2 X6Y B H63 1  
HETATM 43  H H62 . X6Y A 1 . ? -0.270 2.156  -5.368 1.00 0.00 ?  2 X6Y B H62 1  
HETATM 44  H H2  . X6Y A 1 . ? -0.361 -2.032 -2.269 1.00 0.00 ?  2 X6Y B H2  1  
HETATM 45  H H4  . X6Y A 1 . ? -0.654 1.651  -2.812 1.00 0.00 ?  2 X6Y B H4  1  
HETATM 46  H H3  . X6Y A 1 . ? 1.020  0.371  -1.517 1.00 0.00 ?  2 X6Y B H3  1  
HETATM 47  H H1  . X6Y A 1 . ? 1.524  -2.599 -3.790 1.00 0.00 ?  2 X6Y B H1  1  
HETATM 48  H HO4 . X6Y A 1 . ? -2.445 0.423  -2.692 1.00 0.00 ?  2 X6Y B HO4 1  
HETATM 49  C C5  . X2Y A 1 . ? 0.913  0.707  1.572  1.00 0.00 ?  3 X2Y B C5  1  
HETATM 50  C C4  . X2Y A 1 . ? -0.001 0.680  2.814  1.00 0.00 ?  3 X2Y B C4  1  
HETATM 51  C C3  . X2Y A 1 . ? -1.382 0.117  2.393  1.00 0.00 ?  3 X2Y B C3  1  
HETATM 52  C C2  . X2Y A 1 . ? -1.958 0.857  1.185  1.00 0.00 ?  3 X2Y B C2  1  
HETATM 53  C C1  . X2Y A 1 . ? -0.910 1.080  0.067  1.00 0.00 ?  3 X2Y B C1  1  
HETATM 54  O O5  . X2Y A 1 . ? 0.326  1.535  0.563  1.00 0.00 ?  3 X2Y B O5  1  
HETATM 55  C C6  . X2Y A 1 . ? 2.324  1.243  1.848  1.00 0.00 ?  3 X2Y B C6  1  
HETATM 56  O O3  . X2Y A 1 . ? -2.181 0.009  3.581  1.00 0.00 ?  3 X2Y B O3  1  
HETATM 57  S S1  . X2Y A 1 . ? -4.155 1.119  -0.317 1.00 0.00 ?  3 X2Y B S1  1  
HETATM 58  O O6  . X2Y A 1 . ? -3.468 1.099  -1.608 1.00 0.00 -1 3 X2Y B O6  1  
HETATM 59  O O7  . X2Y A 1 . ? -4.247 2.450  0.284  1.00 0.00 ?  3 X2Y B O7  1  
HETATM 60  O O8  . X2Y A 1 . ? -5.411 0.366  -0.306 1.00 0.00 ?  3 X2Y B O8  1  
HETATM 61  O O2  . X2Y A 1 . ? -3.161 0.252  0.694  1.00 0.00 ?  3 X2Y B O2  1  
HETATM 62  S S2  . X2Y A 1 . ? 0.265  2.327  4.901  1.00 0.00 ?  3 X2Y B S2  1  
HETATM 63  O O9  . X2Y A 1 . ? -0.649 1.515  5.703  1.00 0.00 -1 3 X2Y B O9  1  
HETATM 64  O O10 . X2Y A 1 . ? 0.054  3.769  5.036  1.00 0.00 ?  3 X2Y B O10 1  
HETATM 65  O O11 . X2Y A 1 . ? 1.668  1.921  5.004  1.00 0.00 ?  3 X2Y B O11 1  
HETATM 66  O O4  . X2Y A 1 . ? -0.154 2.013  3.324  1.00 0.00 ?  3 X2Y B O4  1  
HETATM 67  H H5  . X2Y A 1 . ? 1.026  -0.312 1.191  1.00 0.00 ?  3 X2Y B H5  1  
HETATM 68  H H4  . X2Y A 1 . ? 0.463  0.057  3.589  1.00 0.00 ?  3 X2Y B H4  1  
HETATM 69  H H3  . X2Y A 1 . ? -1.320 -0.858 1.968  1.00 0.00 ?  3 X2Y B H3  1  
HETATM 70  H H2  . X2Y A 1 . ? -2.193 1.790  1.624  1.00 0.00 ?  3 X2Y B H2  1  
HETATM 71  H H1  . X2Y A 1 . ? -1.234 1.892  -0.588 1.00 0.00 ?  3 X2Y B H1  1  
HETATM 72  H H61 . X2Y A 1 . ? 2.298  2.279  2.183  1.00 0.00 ?  3 X2Y B H61 1  
HETATM 73  H H63 . X2Y A 1 . ? 2.936  1.203  0.946  1.00 0.00 ?  3 X2Y B H63 1  
HETATM 74  H H62 . X2Y A 1 . ? 2.829  0.655  2.615  1.00 0.00 ?  3 X2Y B H62 1  
HETATM 75  C C5  . X34 A 1 . ? -4.444 1.557  4.292  1.00 0.00 ?  4 X34 B C5  1  
HETATM 76  C C4  . X34 A 1 . ? -4.853 0.948  5.661  1.00 0.00 ?  4 X34 B C4  1  
HETATM 77  C C3  . X34 A 1 . ? -3.873 -0.201 5.998  1.00 0.00 ?  4 X34 B C3  1  
HETATM 78  C C2  . X34 A 1 . ? -3.830 -1.214 4.822  1.00 0.00 ?  4 X34 B C2  1  
HETATM 79  C C1  . X34 A 1 . ? -3.487 -0.495 3.499  1.00 0.00 ?  4 X34 B C1  1  
HETATM 80  O O5  . X34 A 1 . ? -4.398 0.554  3.261  1.00 0.00 ?  4 X34 B O5  1  
HETATM 81  C C6  . X34 A 1 . ? -5.372 2.680  3.811  1.00 0.00 ?  4 X34 B C6  1  
HETATM 82  O O3  . X34 A 1 . ? -4.147 -0.806 7.263  1.00 0.00 ?  4 X34 B O3  1  
HETATM 83  O O2  . X34 A 1 . ? -2.982 -2.336 5.047  1.00 0.00 ?  4 X34 B O2  1  
HETATM 84  S S1  . X34 A 1 . ? -7.331 1.101  6.658  1.00 0.00 ?  4 X34 B S1  1  
HETATM 85  O O6  . X34 A 1 . ? -6.839 0.776  7.998  1.00 0.00 ?  4 X34 B O6  1  
HETATM 86  O O7  . X34 A 1 . ? -7.351 2.535  6.370  1.00 0.00 -1 4 X34 B O7  1  
HETATM 87  O O8  . X34 A 1 . ? -8.568 0.405  6.301  1.00 0.00 ?  4 X34 B O8  1  
HETATM 88  O O4  . X34 A 1 . ? -6.204 0.467  5.611  1.00 0.00 ?  4 X34 B O4  1  
HETATM 89  H H5  . X34 A 1 . ? -3.449 1.998  4.396  1.00 0.00 ?  4 X34 B H5  1  
HETATM 90  H H4  . X34 A 1 . ? -4.773 1.725  6.425  1.00 0.00 ?  4 X34 B H4  1  
HETATM 91  H H3  . X34 A 1 . ? -2.877 0.240  6.098  1.00 0.00 ?  4 X34 B H3  1  
HETATM 92  H H2  . X34 A 1 . ? -4.833 -1.630 4.692  1.00 0.00 ?  4 X34 B H2  1  
HETATM 93  H H1  . X34 A 1 . ? -3.600 -1.180 2.650  1.00 0.00 ?  4 X34 B H1  1  
HETATM 94  H H63 . X34 A 1 . ? -6.377 2.308  3.616  1.00 0.00 ?  4 X34 B H63 1  
HETATM 95  H H62 . X34 A 1 . ? -4.999 3.125  2.889  1.00 0.00 ?  4 X34 B H62 1  
HETATM 96  H H61 . X34 A 1 . ? -5.446 3.476  4.553  1.00 0.00 ?  4 X34 B H61 1  
HETATM 97  H HO3 . X34 A 1 . ? -3.401 -1.378 7.498  1.00 0.00 ?  4 X34 B HO3 1  
HETATM 98  H HO2 . X34 A 1 . ? -3.335 -2.835 5.799  1.00 0.00 ?  4 X34 B HO2 1  
HETATM 99  C C5  . X6Y A 1 . ? 5.141  -3.004 -4.858 1.00 0.00 ?  1 X6Y B C5  2  
HETATM 100 C C6  . X6Y A 1 . ? 5.901  -4.318 -4.618 1.00 0.00 ?  1 X6Y B C6  2  
HETATM 101 C C2  . X6Y A 1 . ? 4.420  -0.257 -4.300 1.00 0.00 ?  1 X6Y B C2  2  
HETATM 102 C C4  . X6Y A 1 . ? 4.009  -2.728 -3.830 1.00 0.00 ?  1 X6Y B C4  2  
HETATM 103 C C3  . X6Y A 1 . ? 3.382  -1.342 -4.093 1.00 0.00 ?  1 X6Y B C3  2  
HETATM 104 C C1  . X6Y A 1 . ? 5.582  -0.674 -5.228 1.00 0.00 ?  1 X6Y B C1  2  
HETATM 105 O O5  . X6Y A 1 . ? 6.096  -1.931 -4.867 1.00 0.00 ?  1 X6Y B O5  2  
HETATM 106 O O4  . X6Y A 1 . ? 4.440  -2.854 -2.473 1.00 0.00 ?  1 X6Y B O4  2  
HETATM 107 O O1  . X6Y A 1 . ? 5.157  -0.673 -6.530 1.00 0.00 ?  1 X6Y B O1  2  
HETATM 108 O O3  . X6Y A 1 . ? 2.420  -0.971 -3.090 1.00 0.00 ?  1 X6Y B O3  2  
HETATM 109 S S1  . X6Y A 1 . ? 4.317  2.327  -3.722 1.00 0.00 ?  1 X6Y B S1  2  
HETATM 110 O O6  . X6Y A 1 . ? 3.765  2.036  -2.400 1.00 0.00 -1 1 X6Y B O6  2  
HETATM 111 O O7  . X6Y A 1 . ? 5.781  2.329  -3.778 1.00 0.00 ?  1 X6Y B O7  2  
HETATM 112 O O8  . X6Y A 1 . ? 3.688  3.460  -4.402 1.00 0.00 ?  1 X6Y B O8  2  
HETATM 113 O O2  . X6Y A 1 . ? 3.874  1.021  -4.642 1.00 0.00 ?  1 X6Y B O2  2  
HETATM 114 H H5  . X6Y A 1 . ? 4.688  -3.088 -5.850 1.00 0.00 ?  1 X6Y B H5  2  
HETATM 115 H H61 . X6Y A 1 . ? 6.452  -4.294 -3.677 1.00 0.00 ?  1 X6Y B H61 2  
HETATM 116 H H63 . X6Y A 1 . ? 6.622  -4.503 -5.415 1.00 0.00 ?  1 X6Y B H63 2  
HETATM 117 H H62 . X6Y A 1 . ? 5.221  -5.169 -4.586 1.00 0.00 ?  1 X6Y B H62 2  
HETATM 118 H H2  . X6Y A 1 . ? 4.790  -0.245 -3.315 1.00 0.00 ?  1 X6Y B H2  2  
HETATM 119 H H4  . X6Y A 1 . ? 3.234  -3.472 -3.993 1.00 0.00 ?  1 X6Y B H4  2  
HETATM 120 H H3  . X6Y A 1 . ? 2.952  -1.311 -5.048 1.00 0.00 ?  1 X6Y B H3  2  
HETATM 121 H H1  . X6Y A 1 . ? 6.447  -0.022 -5.093 1.00 0.00 ?  1 X6Y B H1  2  
HETATM 122 H HO4 . X6Y A 1 . ? 3.671  -2.712 -1.900 1.00 0.00 ?  1 X6Y B HO4 2  
HETATM 123 H HO1 . X6Y A 1 . ? 5.958  -0.632 -7.067 1.00 0.00 ?  1 X6Y B HO1 2  
HETATM 124 C C5  . X6Y A 1 . ? 0.489  0.942  -4.071 1.00 0.00 ?  2 X6Y B C5  2  
HETATM 125 C C6  . X6Y A 1 . ? 0.038  1.673  -5.346 1.00 0.00 ?  2 X6Y B C6  2  
HETATM 126 C C2  . X6Y A 1 . ? 0.294  -1.067 -2.002 1.00 0.00 ?  2 X6Y B C2  2  
HETATM 127 C C4  . X6Y A 1 . ? -0.382 1.241  -2.823 1.00 0.00 ?  2 X6Y B C4  2  
HETATM 128 C C3  . X6Y A 1 . ? 0.149  0.405  -1.634 1.00 0.00 ?  2 X6Y B C3  2  
HETATM 129 C C1  . X6Y A 1 . ? 1.070  -1.265 -3.330 1.00 0.00 ?  2 X6Y B C1  2  
HETATM 130 O O5  . X6Y A 1 . ? 0.548  -0.464 -4.363 1.00 0.00 ?  2 X6Y B O5  2  
HETATM 131 O O4  . X6Y A 1 . ? -1.776 1.027  -3.047 1.00 0.00 ?  2 X6Y B O4  2  
HETATM 132 O O3  . X6Y A 1 . ? -0.636 0.533  -0.437 1.00 0.00 ?  2 X6Y B O3  2  
HETATM 133 S S1  . X6Y A 1 . ? 0.296  -3.299 -0.573 1.00 0.00 ?  2 X6Y B S1  2  
HETATM 134 O O6  . X6Y A 1 . ? 1.161  -3.771 0.508  1.00 0.00 -1 2 X6Y B O6  2  
HETATM 135 O O7  . X6Y A 1 . ? -1.088 -3.050 -0.168 1.00 0.00 ?  2 X6Y B O7  2  
HETATM 136 O O8  . X6Y A 1 . ? 0.427  -4.054 -1.821 1.00 0.00 ?  2 X6Y B O8  2  
HETATM 137 O O2  . X6Y A 1 . ? 0.902  -1.798 -0.935 1.00 0.00 ?  2 X6Y B O2  2  
HETATM 138 H H5  . X6Y A 1 . ? 1.499  1.292  -3.854 1.00 0.00 ?  2 X6Y B H5  2  
HETATM 139 H H61 . X6Y A 1 . ? -0.937 1.320  -5.683 1.00 0.00 ?  2 X6Y B H61 2  
HETATM 140 H H63 . X6Y A 1 . ? 0.747  1.513  -6.157 1.00 0.00 ?  2 X6Y B H63 2  
HETATM 141 H H62 . X6Y A 1 . ? -0.034 2.748  -5.180 1.00 0.00 ?  2 X6Y B H62 2  
HETATM 142 H H2  . X6Y A 1 . ? -0.729 -1.368 -2.127 1.00 0.00 ?  2 X6Y B H2  2  
HETATM 143 H H4  . X6Y A 1 . ? -0.274 2.301  -2.585 1.00 0.00 ?  2 X6Y B H4  2  
HETATM 144 H H3  . X6Y A 1 . ? 1.161  0.673  -1.412 1.00 0.00 ?  2 X6Y B H3  2  
HETATM 145 H H1  . X6Y A 1 . ? 0.953  -2.287 -3.709 1.00 0.00 ?  2 X6Y B H1  2  
HETATM 146 H HO4 . X6Y A 1 . ? -2.269 1.520  -2.348 1.00 0.00 ?  2 X6Y B HO4 2  
HETATM 147 C C5  . X2Y A 1 . ? 1.261  0.805  1.767  1.00 0.00 ?  3 X2Y B C5  2  
HETATM 148 C C4  . X2Y A 1 . ? 0.385  0.958  3.028  1.00 0.00 ?  3 X2Y B C4  2  
HETATM 149 C C3  . X2Y A 1 . ? -1.086 0.743  2.607  1.00 0.00 ?  3 X2Y B C3  2  
HETATM 150 C C2  . X2Y A 1 . ? -1.485 1.681  1.479  1.00 0.00 ?  3 X2Y B C2  2  
HETATM 151 C C1  . X2Y A 1 . ? -0.449 1.688  0.326  1.00 0.00 ?  3 X2Y B C1  2  
HETATM 152 O O5  . X2Y A 1 . ? 0.879  1.782  0.789  1.00 0.00 ?  3 X2Y B O5  2  
HETATM 153 C C6  . X2Y A 1 . ? 2.761  0.976  2.041  1.00 0.00 ?  3 X2Y B C6  2  
HETATM 154 O O3  . X2Y A 1 . ? -1.958 0.810  3.746  1.00 0.00 ?  3 X2Y B O3  2  
HETATM 155 S S1  . X2Y A 1 . ? -3.603 2.586  0.129  1.00 0.00 ?  3 X2Y B S1  2  
HETATM 156 O O6  . X2Y A 1 . ? -3.313 3.858  0.791  1.00 0.00 -1 3 X2Y B O6  2  
HETATM 157 O O7  . X2Y A 1 . ? -5.010 2.189  0.183  1.00 0.00 ?  3 X2Y B O7  2  
HETATM 158 O O8  . X2Y A 1 . ? -3.001 2.451  -1.198 1.00 0.00 ?  3 X2Y B O8  2  
HETATM 159 O O2  . X2Y A 1 . ? -2.830 1.440  1.053  1.00 0.00 ?  3 X2Y B O2  2  
HETATM 160 S S2  . X2Y A 1 . ? 0.861  2.480  5.176  1.00 0.00 ?  3 X2Y B S2  2  
HETATM 161 O O9  . X2Y A 1 . ? 1.957  1.560  5.484  1.00 0.00 -1 3 X2Y B O9  2  
HETATM 162 O O10 . X2Y A 1 . ? -0.409 2.137  5.817  1.00 0.00 ?  3 X2Y B O10 2  
HETATM 163 O O11 . X2Y A 1 . ? 1.219  3.894  5.295  1.00 0.00 ?  3 X2Y B O11 2  
HETATM 164 O O4  . X2Y A 1 . ? 0.578  2.279  3.554  1.00 0.00 ?  3 X2Y B O4  2  
HETATM 165 H H5  . X2Y A 1 . ? 1.121  -0.197 1.351  1.00 0.00 ?  3 X2Y B H5  2  
HETATM 166 H H4  . X2Y A 1 . ? 0.683  0.214  3.773  1.00 0.00 ?  3 X2Y B H4  2  
HETATM 167 H H3  . X2Y A 1 . ? -1.236 -0.173 2.079  1.00 0.00 ?  3 X2Y B H3  2  
HETATM 168 H H2  . X2Y A 1 . ? -1.443 2.622  1.967  1.00 0.00 ?  3 X2Y B H2  2  
HETATM 169 H H1  . X2Y A 1 . ? -0.573 2.588  -0.281 1.00 0.00 ?  3 X2Y B H1  2  
HETATM 170 H H61 . X2Y A 1 . ? 2.987  1.976  2.410  1.00 0.00 ?  3 X2Y B H61 2  
HETATM 171 H H63 . X2Y A 1 . ? 3.341  0.821  1.131  1.00 0.00 ?  3 X2Y B H63 2  
HETATM 172 H H62 . X2Y A 1 . ? 3.112  0.258  2.783  1.00 0.00 ?  3 X2Y B H62 2  
HETATM 173 C C5  . X34 A 1 . ? -4.678 0.012  3.368  1.00 0.00 ?  4 X34 B C5  2  
HETATM 174 C C4  . X34 A 1 . ? -5.280 0.223  4.784  1.00 0.00 ?  4 X34 B C4  2  
HETATM 175 C C3  . X34 A 1 . ? -4.164 0.751  5.705  1.00 0.00 ?  4 X34 B C3  2  
HETATM 176 C C2  . X34 A 1 . ? -2.964 -0.228 5.672  1.00 0.00 ?  4 X34 B C2  2  
HETATM 177 C C1  . X34 A 1 . ? -2.469 -0.412 4.221  1.00 0.00 ?  4 X34 B C1  2  
HETATM 178 O O5  . X34 A 1 . ? -3.525 -0.850 3.395  1.00 0.00 ?  4 X34 B O5  2  
HETATM 179 C C6  . X34 A 1 . ? -5.668 -0.571 2.351  1.00 0.00 ?  4 X34 B C6  2  
HETATM 180 O O3  . X34 A 1 . ? -4.644 1.015  7.017  1.00 0.00 ?  4 X34 B O3  2  
HETATM 181 O O2  . X34 A 1 . ? -1.906 0.107  6.562  1.00 0.00 ?  4 X34 B O2  2  
HETATM 182 S S1  . X34 A 1 . ? -7.446 -1.079 5.663  1.00 0.00 ?  4 X34 B S1  2  
HETATM 183 O O6  . X34 A 1 . ? -7.632 -0.113 6.747  1.00 0.00 ?  4 X34 B O6  2  
HETATM 184 O O7  . X34 A 1 . ? -8.143 -0.720 4.428  1.00 0.00 -1 4 X34 B O7  2  
HETATM 185 O O8  . X34 A 1 . ? -7.644 -2.470 6.075  1.00 0.00 ?  4 X34 B O8  2  
HETATM 186 O O4  . X34 A 1 . ? -5.827 -1.005 5.283  1.00 0.00 ?  4 X34 B O4  2  
HETATM 187 H H5  . X34 A 1 . ? -4.377 0.991  2.988  1.00 0.00 ?  4 X34 B H5  2  
HETATM 188 H H4  . X34 A 1 . ? -6.062 0.982  4.753  1.00 0.00 ?  4 X34 B H4  2  
HETATM 189 H H3  . X34 A 1 . ? -3.821 1.717  5.322  1.00 0.00 ?  4 X34 B H3  2  
HETATM 190 H H2  . X34 A 1 . ? -3.312 -1.208 6.011  1.00 0.00 ?  4 X34 B H2  2  
HETATM 191 H H1  . X34 A 1 . ? -1.721 -1.213 4.179  1.00 0.00 ?  4 X34 B H1  2  
HETATM 192 H H63 . X34 A 1 . ? -5.979 -1.578 2.628  1.00 0.00 ?  4 X34 B H63 2  
HETATM 193 H H62 . X34 A 1 . ? -5.218 -0.623 1.359  1.00 0.00 ?  4 X34 B H62 2  
HETATM 194 H H61 . X34 A 1 . ? -6.563 0.048  2.271  1.00 0.00 ?  4 X34 B H61 2  
HETATM 195 H HO3 . X34 A 1 . ? -3.865 1.139  7.576  1.00 0.00 ?  4 X34 B HO3 2  
HETATM 196 H HO2 . X34 A 1 . ? -1.458 0.921  6.234  1.00 0.00 ?  4 X34 B HO2 2  
HETATM 197 C C5  . X6Y A 1 . ? 5.014  -3.033 -5.111 1.00 0.00 ?  1 X6Y B C5  3  
HETATM 198 C C6  . X6Y A 1 . ? 5.710  -4.403 -5.058 1.00 0.00 ?  1 X6Y B C6  3  
HETATM 199 C C2  . X6Y A 1 . ? 4.433  -0.354 -4.183 1.00 0.00 ?  1 X6Y B C2  3  
HETATM 200 C C4  . X6Y A 1 . ? 3.885  -2.849 -4.060 1.00 0.00 ?  1 X6Y B C4  3  
HETATM 201 C C3  . X6Y A 1 . ? 3.339  -1.398 -4.100 1.00 0.00 ?  1 X6Y B C3  3  
HETATM 202 C C1  . X6Y A 1 . ? 5.571  -0.702 -5.165 1.00 0.00 ?  1 X6Y B C1  3  
HETATM 203 O O5  . X6Y A 1 . ? 6.022  -2.018 -4.971 1.00 0.00 ?  1 X6Y B O5  3  
HETATM 204 O O4  . X6Y A 1 . ? 4.266  -3.230 -2.740 1.00 0.00 ?  1 X6Y B O4  3  
HETATM 205 O O1  . X6Y A 1 . ? 5.145  -0.510 -6.452 1.00 0.00 ?  1 X6Y B O1  3  
HETATM 206 O O3  . X6Y A 1 . ? 2.421  -1.074 -3.039 1.00 0.00 ?  1 X6Y B O3  3  
HETATM 207 S S1  . X6Y A 1 . ? 4.429  2.126  -3.248 1.00 0.00 ?  1 X6Y B S1  3  
HETATM 208 O O6  . X6Y A 1 . ? 3.826  1.682  -1.992 1.00 0.00 -1 1 X6Y B O6  3  
HETATM 209 O O7  . X6Y A 1 . ? 5.892  2.067  -3.270 1.00 0.00 ?  1 X6Y B O7  3  
HETATM 210 O O8  . X6Y A 1 . ? 3.869  3.371  -3.775 1.00 0.00 ?  1 X6Y B O8  3  
HETATM 211 O O2  . X6Y A 1 . ? 3.957  0.985  -4.354 1.00 0.00 ?  1 X6Y B O2  3  
HETATM 212 H H5  . X6Y A 1 . ? 4.568  -2.956 -6.104 1.00 0.00 ?  1 X6Y B H5  3  
HETATM 213 H H61 . X6Y A 1 . ? 6.257  -4.537 -4.124 1.00 0.00 ?  1 X6Y B H61 3  
HETATM 214 H H63 . X6Y A 1 . ? 6.424  -4.509 -5.876 1.00 0.00 ?  1 X6Y B H63 3  
HETATM 215 H H62 . X6Y A 1 . ? 4.988  -5.215 -5.142 1.00 0.00 ?  1 X6Y B H62 3  
HETATM 216 H H2  . X6Y A 1 . ? 4.803  -0.491 -3.208 1.00 0.00 ?  1 X6Y B H2  3  
HETATM 217 H H4  . X6Y A 1 . ? 3.083  -3.525 -4.351 1.00 0.00 ?  1 X6Y B H4  3  
HETATM 218 H H3  . X6Y A 1 . ? 2.876  -1.214 -5.020 1.00 0.00 ?  1 X6Y B H3  3  
HETATM 219 H H1  . X6Y A 1 . ? 6.467  -0.116 -4.952 1.00 0.00 ?  1 X6Y B H1  3  
HETATM 220 H HO4 . X6Y A 1 . ? 3.432  -3.432 -2.255 1.00 0.00 ?  1 X6Y B HO4 3  
HETATM 221 H HO1 . X6Y A 1 . ? 5.947  -0.437 -6.985 1.00 0.00 ?  1 X6Y B HO1 3  
HETATM 222 C C5  . X6Y A 1 . ? 0.539  0.929  -4.012 1.00 0.00 ?  2 X6Y B C5  3  
HETATM 223 C C6  . X6Y A 1 . ? 0.131  1.673  -5.294 1.00 0.00 ?  2 X6Y B C6  3  
HETATM 224 C C2  . X6Y A 1 . ? 0.293  -1.076 -1.934 1.00 0.00 ?  2 X6Y B C2  3  
HETATM 225 C C4  . X6Y A 1 . ? -0.355 1.238  -2.785 1.00 0.00 ?  2 X6Y B C4  3  
HETATM 226 C C3  . X6Y A 1 . ? 0.152  0.402  -1.587 1.00 0.00 ?  2 X6Y B C3  3  
HETATM 227 C C1  . X6Y A 1 . ? 1.059  -1.295 -3.271 1.00 0.00 ?  2 X6Y B C1  3  
HETATM 228 O O5  . X6Y A 1 . ? 0.567  -0.475 -4.305 1.00 0.00 ?  2 X6Y B O5  3  
HETATM 229 O O4  . X6Y A 1 . ? -1.745 1.030  -3.035 1.00 0.00 ?  2 X6Y B O4  3  
HETATM 230 O O3  . X6Y A 1 . ? -0.644 0.551  -0.399 1.00 0.00 ?  2 X6Y B O3  3  
HETATM 231 S S1  . X6Y A 1 . ? 0.821  -3.432 -0.794 1.00 0.00 ?  2 X6Y B S1  3  
HETATM 232 O O6  . X6Y A 1 . ? 1.033  -3.766 0.614  1.00 0.00 -1 2 X6Y B O6  3  
HETATM 233 O O7  . X6Y A 1 . ? -0.500 -3.800 -1.306 1.00 0.00 ?  2 X6Y B O7  3  
HETATM 234 O O8  . X6Y A 1 . ? 1.930  -3.815 -1.668 1.00 0.00 ?  2 X6Y B O8  3  
HETATM 235 O O2  . X6Y A 1 . ? 0.843  -1.771 -0.811 1.00 0.00 ?  2 X6Y B O2  3  
HETATM 236 H H5  . X6Y A 1 . ? 1.550  1.255  -3.772 1.00 0.00 ?  2 X6Y B H5  3  
HETATM 237 H H61 . X6Y A 1 . ? -0.847 1.346  -5.651 1.00 0.00 ?  2 X6Y B H61 3  
HETATM 238 H H63 . X6Y A 1 . ? 0.851  1.495  -6.093 1.00 0.00 ?  2 X6Y B H63 3  
HETATM 239 H H62 . X6Y A 1 . ? 0.083  2.749  -5.127 1.00 0.00 ?  2 X6Y B H62 3  
HETATM 240 H H2  . X6Y A 1 . ? -0.730 -1.375 -2.051 1.00 0.00 ?  2 X6Y B H2  3  
HETATM 241 H H4  . X6Y A 1 . ? -0.245 2.299  -2.552 1.00 0.00 ?  2 X6Y B H4  3  
HETATM 242 H H3  . X6Y A 1 . ? 1.164  0.666  -1.352 1.00 0.00 ?  2 X6Y B H3  3  
HETATM 243 H H1  . X6Y A 1 . ? 0.915  -2.301 -3.673 1.00 0.00 ?  2 X6Y B H1  3  
HETATM 244 H HO4 . X6Y A 1 . ? -2.251 1.522  -2.345 1.00 0.00 ?  2 X6Y B HO4 3  
HETATM 245 C C5  . X2Y A 1 . ? 1.235  0.947  1.809  1.00 0.00 ?  3 X2Y B C5  3  
HETATM 246 C C4  . X2Y A 1 . ? 0.346  1.117  3.059  1.00 0.00 ?  3 X2Y B C4  3  
HETATM 247 C C3  . X2Y A 1 . ? -1.115 0.843  2.636  1.00 0.00 ?  3 X2Y B C3  3  
HETATM 248 C C2  . X2Y A 1 . ? -1.534 1.732  1.477  1.00 0.00 ?  3 X2Y B C2  3  
HETATM 249 C C1  . X2Y A 1 . ? -0.491 1.733  0.331  1.00 0.00 ?  3 X2Y B C1  3  
HETATM 250 O O5  . X2Y A 1 . ? 0.831  1.879  0.796  1.00 0.00 ?  3 X2Y B O5  3  
HETATM 251 C C6  . X2Y A 1 . ? 2.727  1.172  2.085  1.00 0.00 ?  3 X2Y B C6  3  
HETATM 252 O O3  . X2Y A 1 . ? -1.998 0.915  3.766  1.00 0.00 ?  3 X2Y B O3  3  
HETATM 253 S S1  . X2Y A 1 . ? -3.677 2.526  0.097  1.00 0.00 ?  3 X2Y B S1  3  
HETATM 254 O O6  . X2Y A 1 . ? -3.022 2.438  -1.208 1.00 0.00 -1 3 X2Y B O6  3  
HETATM 255 O O7  . X2Y A 1 . ? -3.495 3.813  0.772  1.00 0.00 ?  3 X2Y B O7  3  
HETATM 256 O O8  . X2Y A 1 . ? -5.059 2.042  0.103  1.00 0.00 ?  3 X2Y B O8  3  
HETATM 257 O O2  . X2Y A 1 . ? -2.867 1.430  1.047  1.00 0.00 ?  3 X2Y B O2  3  
HETATM 258 S S2  . X2Y A 1 . ? 0.752  2.724  5.159  1.00 0.00 ?  3 X2Y B S2  3  
HETATM 259 O O9  . X2Y A 1 . ? 1.868  1.847  5.513  1.00 0.00 -1 3 X2Y B O9  3  
HETATM 260 O O10 . X2Y A 1 . ? -0.516 2.370  5.796  1.00 0.00 ?  3 X2Y B O10 3  
HETATM 261 O O11 . X2Y A 1 . ? 1.069  4.152  5.232  1.00 0.00 ?  3 X2Y B O11 3  
HETATM 262 O O4  . X2Y A 1 . ? 0.497  2.460  3.541  1.00 0.00 ?  3 X2Y B O4  3  
HETATM 263 H H5  . X2Y A 1 . ? 1.127  -0.071 1.426  1.00 0.00 ?  3 X2Y B H5  3  
HETATM 264 H H4  . X2Y A 1 . ? 0.662  0.408  3.830  1.00 0.00 ?  3 X2Y B H4  3  
HETATM 265 H H3  . X2Y A 1 . ? -1.231 -0.094 2.139  1.00 0.00 ?  3 X2Y B H3  3  
HETATM 266 H H2  . X2Y A 1 . ? -1.530 2.687  1.934  1.00 0.00 ?  3 X2Y B H2  3  
HETATM 267 H H1  . X2Y A 1 . ? -0.635 2.611  -0.303 1.00 0.00 ?  3 X2Y B H1  3  
HETATM 268 H H61 . X2Y A 1 . ? 2.921  2.190  2.424  1.00 0.00 ?  3 X2Y B H61 3  
HETATM 269 H H63 . X2Y A 1 . ? 3.318  1.006  1.184  1.00 0.00 ?  3 X2Y B H63 3  
HETATM 270 H H62 . X2Y A 1 . ? 3.095  0.490  2.852  1.00 0.00 ?  3 X2Y B H62 3  
HETATM 271 C C5  . X34 A 1 . ? -4.677 -0.011 3.390  1.00 0.00 ?  4 X34 B C5  3  
HETATM 272 C C4  . X34 A 1 . ? -5.304 0.223  4.793  1.00 0.00 ?  4 X34 B C4  3  
HETATM 273 C C3  . X34 A 1 . ? -4.222 0.829  5.705  1.00 0.00 ?  4 X34 B C3  3  
HETATM 274 C C2  . X34 A 1 . ? -2.981 -0.096 5.719  1.00 0.00 ?  4 X34 B C2  3  
HETATM 275 C C1  . X34 A 1 . ? -2.463 -0.309 4.280  1.00 0.00 ?  4 X34 B C1  3  
HETATM 276 O O5  . X34 A 1 . ? -3.488 -0.822 3.459  1.00 0.00 ?  4 X34 B O5  3  
HETATM 277 C C6  . X34 A 1 . ? -5.629 -0.669 2.384  1.00 0.00 ?  4 X34 B C6  3  
HETATM 278 O O3  . X34 A 1 . ? -4.728 1.117  7.003  1.00 0.00 ?  4 X34 B O3  3  
HETATM 279 O O2  . X34 A 1 . ? -1.948 0.316  6.606  1.00 0.00 ?  4 X34 B O2  3  
HETATM 280 S S1  . X34 A 1 . ? -7.420 -1.144 5.695  1.00 0.00 ?  4 X34 B S1  3  
HETATM 281 O O6  . X34 A 1 . ? -7.661 -0.151 6.743  1.00 0.00 ?  4 X34 B O6  3  
HETATM 282 O O7  . X34 A 1 . ? -8.117 -0.858 4.441  1.00 0.00 -1 4 X34 B O7  3  
HETATM 283 O O8  . X34 A 1 . ? -7.561 -2.527 6.152  1.00 0.00 ?  4 X34 B O8  3  
HETATM 284 O O4  . X34 A 1 . ? -5.801 -1.012 5.329  1.00 0.00 ?  4 X34 B O4  3  
HETATM 285 H H5  . X34 A 1 . ? -4.413 0.965  2.981  1.00 0.00 ?  4 X34 B H5  3  
HETATM 286 H H4  . X34 A 1 . ? -6.117 0.945  4.727  1.00 0.00 ?  4 X34 B H4  3  
HETATM 287 H H3  . X34 A 1 . ? -3.917 1.796  5.293  1.00 0.00 ?  4 X34 B H3  3  
HETATM 288 H H2  . X34 A 1 . ? -3.289 -1.077 6.089  1.00 0.00 ?  4 X34 B H2  3  
HETATM 289 H H1  . X34 A 1 . ? -1.679 -1.078 4.272  1.00 0.00 ?  4 X34 B H1  3  
HETATM 290 H H63 . X34 A 1 . ? -5.899 -1.680 2.692  1.00 0.00 ?  4 X34 B H63 3  
HETATM 291 H H62 . X34 A 1 . ? -5.166 -0.735 1.399  1.00 0.00 ?  4 X34 B H62 3  
HETATM 292 H H61 . X34 A 1 . ? -6.548 -0.094 2.275  1.00 0.00 ?  4 X34 B H61 3  
HETATM 293 H HO3 . X34 A 1 . ? -3.962 1.295  7.564  1.00 0.00 ?  4 X34 B HO3 3  
HETATM 294 H HO2 . X34 A 1 . ? -1.528 1.133  6.250  1.00 0.00 ?  4 X34 B HO2 3  
HETATM 295 C C5  . X6Y A 1 . ? 5.041  -3.015 -5.103 1.00 0.00 ?  1 X6Y B C5  4  
HETATM 296 C C6  . X6Y A 1 . ? 5.741  -4.383 -5.049 1.00 0.00 ?  1 X6Y B C6  4  
HETATM 297 C C2  . X6Y A 1 . ? 4.442  -0.343 -4.170 1.00 0.00 ?  1 X6Y B C2  4  
HETATM 298 C C4  . X6Y A 1 . ? 3.899  -2.840 -4.064 1.00 0.00 ?  1 X6Y B C4  4  
HETATM 299 C C3  . X6Y A 1 . ? 3.350  -1.391 -4.101 1.00 0.00 ?  1 X6Y B C3  4  
HETATM 300 C C1  . X6Y A 1 . ? 5.590  -0.683 -5.142 1.00 0.00 ?  1 X6Y B C1  4  
HETATM 301 O O5  . X6Y A 1 . ? 6.044  -1.998 -4.950 1.00 0.00 ?  1 X6Y B O5  4  
HETATM 302 O O4  . X6Y A 1 . ? 4.267  -3.228 -2.742 1.00 0.00 ?  1 X6Y B O4  4  
HETATM 303 O O1  . X6Y A 1 . ? 5.176  -0.487 -6.432 1.00 0.00 ?  1 X6Y B O1  4  
HETATM 304 O O3  . X6Y A 1 . ? 2.424  -1.074 -3.046 1.00 0.00 ?  1 X6Y B O3  4  
HETATM 305 S S1  . X6Y A 1 . ? 4.423  2.136  -3.227 1.00 0.00 ?  1 X6Y B S1  4  
HETATM 306 O O6  . X6Y A 1 . ? 3.812  1.684  -1.977 1.00 0.00 -1 1 X6Y B O6  4  
HETATM 307 O O7  . X6Y A 1 . ? 5.886  2.080  -3.238 1.00 0.00 ?  1 X6Y B O7  4  
HETATM 308 O O8  . X6Y A 1 . ? 3.863  3.380  -3.755 1.00 0.00 ?  1 X6Y B O8  4  
HETATM 309 O O2  . X6Y A 1 . ? 3.962  0.996  -4.340 1.00 0.00 ?  1 X6Y B O2  4  
HETATM 310 H H5  . X6Y A 1 . ? 4.604  -2.936 -6.101 1.00 0.00 ?  1 X6Y B H5  4  
HETATM 311 H H61 . X6Y A 1 . ? 6.278  -4.519 -4.110 1.00 0.00 ?  1 X6Y B H61 4  
HETATM 312 H H63 . X6Y A 1 . ? 6.464  -4.483 -5.859 1.00 0.00 ?  1 X6Y B H63 4  
HETATM 313 H H62 . X6Y A 1 . ? 5.023  -5.198 -5.146 1.00 0.00 ?  1 X6Y B H62 4  
HETATM 314 H H2  . X6Y A 1 . ? 4.802  -0.482 -3.191 1.00 0.00 ?  1 X6Y B H2  4  
HETATM 315 H H4  . X6Y A 1 . ? 3.105  -3.517 -4.367 1.00 0.00 ?  1 X6Y B H4  4  
HETATM 316 H H3  . X6Y A 1 . ? 2.894  -1.203 -5.024 1.00 0.00 ?  1 X6Y B H3  4  
HETATM 317 H H1  . X6Y A 1 . ? 6.482  -0.094 -4.918 1.00 0.00 ?  1 X6Y B H1  4  
HETATM 318 H HO4 . X6Y A 1 . ? 3.427  -3.440 -2.270 1.00 0.00 ?  1 X6Y B HO4 4  
HETATM 319 H HO1 . X6Y A 1 . ? 5.983  -0.409 -6.958 1.00 0.00 ?  1 X6Y B HO1 4  
HETATM 320 C C5  . X6Y A 1 . ? 0.540  0.925  -4.021 1.00 0.00 ?  2 X6Y B C5  4  
HETATM 321 C C6  . X6Y A 1 . ? 0.134  1.674  -5.300 1.00 0.00 ?  2 X6Y B C6  4  
HETATM 322 C C2  . X6Y A 1 . ? 0.290  -1.091 -1.955 1.00 0.00 ?  2 X6Y B C2  4  
HETATM 323 C C4  . X6Y A 1 . ? -0.359 1.226  -2.795 1.00 0.00 ?  2 X6Y B C4  4  
HETATM 324 C C3  . X6Y A 1 . ? 0.145  0.385  -1.599 1.00 0.00 ?  2 X6Y B C3  4  
HETATM 325 C C1  . X6Y A 1 . ? 1.065  -1.300 -3.287 1.00 0.00 ?  2 X6Y B C1  4  
HETATM 326 O O5  . X6Y A 1 . ? 0.573  -0.478 -4.320 1.00 0.00 ?  2 X6Y B O5  4  
HETATM 327 O O4  . X6Y A 1 . ? -1.748 1.015  -3.051 1.00 0.00 ?  2 X6Y B O4  4  
HETATM 328 O O3  . X6Y A 1 . ? -0.653 0.529  -0.411 1.00 0.00 ?  2 X6Y B O3  4  
HETATM 329 S S1  . X6Y A 1 . ? 0.813  -3.456 -0.833 1.00 0.00 ?  2 X6Y B S1  4  
HETATM 330 O O6  . X6Y A 1 . ? 1.920  -3.830 -1.715 1.00 0.00 -1 2 X6Y B O6  4  
HETATM 331 O O7  . X6Y A 1 . ? 1.032  -3.805 0.572  1.00 0.00 ?  2 X6Y B O7  4  
HETATM 332 O O8  . X6Y A 1 . ? -0.511 -3.823 -1.340 1.00 0.00 ?  2 X6Y B O8  4  
HETATM 333 O O2  . X6Y A 1 . ? 0.832  -1.797 -0.833 1.00 0.00 ?  2 X6Y B O2  4  
HETATM 334 H H5  . X6Y A 1 . ? 1.550  1.253  -3.775 1.00 0.00 ?  2 X6Y B H5  4  
HETATM 335 H H61 . X6Y A 1 . ? -0.841 1.345  -5.661 1.00 0.00 ?  2 X6Y B H61 4  
HETATM 336 H H63 . X6Y A 1 . ? 0.857  1.502  -6.097 1.00 0.00 ?  2 X6Y B H63 4  
HETATM 337 H H62 . X6Y A 1 . ? 0.082  2.750  -5.128 1.00 0.00 ?  2 X6Y B H62 4  
HETATM 338 H H2  . X6Y A 1 . ? -0.733 -1.391 -2.081 1.00 0.00 ?  2 X6Y B H2  4  
HETATM 339 H H4  . X6Y A 1 . ? -0.252 2.286  -2.555 1.00 0.00 ?  2 X6Y B H4  4  
HETATM 340 H H3  . X6Y A 1 . ? 1.157  0.647  -1.360 1.00 0.00 ?  2 X6Y B H3  4  
HETATM 341 H H1  . X6Y A 1 . ? 0.927  -2.304 -3.695 1.00 0.00 ?  2 X6Y B H1  4  
HETATM 342 H HO4 . X6Y A 1 . ? -2.258 1.502  -2.359 1.00 0.00 ?  2 X6Y B HO4 4  
HETATM 343 C C5  . X2Y A 1 . ? 1.227  0.931  1.797  1.00 0.00 ?  3 X2Y B C5  4  
HETATM 344 C C4  . X2Y A 1 . ? 0.340  1.102  3.048  1.00 0.00 ?  3 X2Y B C4  4  
HETATM 345 C C3  . X2Y A 1 . ? -1.121 0.822  2.627  1.00 0.00 ?  3 X2Y B C3  4  
HETATM 346 C C2  . X2Y A 1 . ? -1.546 1.707  1.467  1.00 0.00 ?  3 X2Y B C2  4  
HETATM 347 C C1  . X2Y A 1 . ? -0.503 1.711  0.320  1.00 0.00 ?  3 X2Y B C1  4  
HETATM 348 O O5  . X2Y A 1 . ? 0.819  1.861  0.784  1.00 0.00 ?  3 X2Y B O5  4  
HETATM 349 C C6  . X2Y A 1 . ? 2.719  1.159  2.069  1.00 0.00 ?  3 X2Y B C6  4  
HETATM 350 O O3  . X2Y A 1 . ? -2.000 0.896  3.760  1.00 0.00 ?  3 X2Y B O3  4  
HETATM 351 S S1  . X2Y A 1 . ? -3.691 2.495  0.086  1.00 0.00 ?  3 X2Y B S1  4  
HETATM 352 O O6  . X2Y A 1 . ? -3.035 2.406  -1.218 1.00 0.00 -1 3 X2Y B O6  4  
HETATM 353 O O7  . X2Y A 1 . ? -3.513 3.781  0.761  1.00 0.00 ?  3 X2Y B O7  4  
HETATM 354 O O8  . X2Y A 1 . ? -5.070 2.006  0.091  1.00 0.00 ?  3 X2Y B O8  4  
HETATM 355 O O2  . X2Y A 1 . ? -2.877 1.401  1.037  1.00 0.00 ?  3 X2Y B O2  4  
HETATM 356 S S2  . X2Y A 1 . ? 0.749  2.716  5.142  1.00 0.00 ?  3 X2Y B S2  4  
HETATM 357 O O9  . X2Y A 1 . ? -0.504 2.332  5.789  1.00 0.00 -1 3 X2Y B O9  4  
HETATM 358 O O10 . X2Y A 1 . ? 1.036  4.150  5.213  1.00 0.00 ?  3 X2Y B O10 4  
HETATM 359 O O11 . X2Y A 1 . ? 1.889  1.866  5.485  1.00 0.00 ?  3 X2Y B O11 4  
HETATM 360 O O4  . X2Y A 1 . ? 0.487  2.447  3.525  1.00 0.00 ?  3 X2Y B O4  4  
HETATM 361 H H5  . X2Y A 1 . ? 1.120  -0.088 1.414  1.00 0.00 ?  3 X2Y B H5  4  
HETATM 362 H H4  . X2Y A 1 . ? 0.659  0.396  3.820  1.00 0.00 ?  3 X2Y B H4  4  
HETATM 363 H H3  . X2Y A 1 . ? -1.236 -0.116 2.131  1.00 0.00 ?  3 X2Y B H3  4  
HETATM 364 H H2  . X2Y A 1 . ? -1.543 2.664  1.923  1.00 0.00 ?  3 X2Y B H2  4  
HETATM 365 H H1  . X2Y A 1 . ? -0.649 2.589  -0.314 1.00 0.00 ?  3 X2Y B H1  4  
HETATM 366 H H61 . X2Y A 1 . ? 2.912  2.178  2.407  1.00 0.00 ?  3 X2Y B H61 4  
HETATM 367 H H63 . X2Y A 1 . ? 3.308  0.994  1.166  1.00 0.00 ?  3 X2Y B H63 4  
HETATM 368 H H62 . X2Y A 1 . ? 3.090  0.479  2.835  1.00 0.00 ?  3 X2Y B H62 4  
HETATM 369 C C5  . X34 A 1 . ? -4.694 0.007  3.408  1.00 0.00 ?  4 X34 B C5  4  
HETATM 370 C C4  . X34 A 1 . ? -5.300 0.250  4.818  1.00 0.00 ?  4 X34 B C4  4  
HETATM 371 C C3  . X34 A 1 . ? -4.200 0.836  5.721  1.00 0.00 ?  4 X34 B C3  4  
HETATM 372 C C2  . X34 A 1 . ? -2.975 -0.110 5.719  1.00 0.00 ?  4 X34 B C2  4  
HETATM 373 C C1  . X34 A 1 . ? -2.474 -0.325 4.274  1.00 0.00 ?  4 X34 B C1  4  
HETATM 374 O O5  . X34 A 1 . ? -3.515 -0.822 3.463  1.00 0.00 ?  4 X34 B O5  4  
HETATM 375 C C6  . X34 A 1 . ? -5.666 -0.637 2.412  1.00 0.00 ?  4 X34 B C6  4  
HETATM 376 O O3  . X34 A 1 . ? -4.688 1.130  7.024  1.00 0.00 ?  4 X34 B O3  4  
HETATM 377 O O2  . X34 A 1 . ? -1.927 0.279  6.599  1.00 0.00 ?  4 X34 B O2  4  
HETATM 378 S S1  . X34 A 1 . ? -7.432 -1.079 5.740  1.00 0.00 ?  4 X34 B S1  4  
HETATM 379 O O6  . X34 A 1 . ? -7.644 -0.082 6.791  1.00 0.00 ?  4 X34 B O6  4  
HETATM 380 O O7  . X34 A 1 . ? -8.137 -0.781 4.495  1.00 0.00 -1 4 X34 B O7  4  
HETATM 381 O O8  . X34 A 1 . ? -7.593 -2.461 6.198  1.00 0.00 ?  4 X34 B O8  4  
HETATM 382 O O4  . X34 A 1 . ? -5.815 -0.976 5.358  1.00 0.00 ?  4 X34 B O4  4  
HETATM 383 H H5  . X34 A 1 . ? -4.419 0.980  2.995  1.00 0.00 ?  4 X34 B H5  4  
HETATM 384 H H4  . X34 A 1 . ? -6.102 0.986  4.761  1.00 0.00 ?  4 X34 B H4  4  
HETATM 385 H H3  . X34 A 1 . ? -3.883 1.799  5.307  1.00 0.00 ?  4 X34 B H3  4  
HETATM 386 H H2  . X34 A 1 . ? -3.297 -1.088 6.088  1.00 0.00 ?  4 X34 B H2  4  
HETATM 387 H H1  . X34 A 1 . ? -1.701 -1.104 4.258  1.00 0.00 ?  4 X34 B H1  4  
HETATM 388 H H63 . X34 A 1 . ? -5.947 -1.643 2.725  1.00 0.00 ?  4 X34 B H63 4  
HETATM 389 H H62 . X34 A 1 . ? -5.214 -0.711 1.422  1.00 0.00 ?  4 X34 B H62 4  
HETATM 390 H H61 . X34 A 1 . ? -6.577 -0.048 2.314  1.00 0.00 ?  4 X34 B H61 4  
HETATM 391 H HO3 . X34 A 1 . ? -3.912 1.294  7.577  1.00 0.00 ?  4 X34 B HO3 4  
HETATM 392 H HO2 . X34 A 1 . ? -1.503 1.097  6.248  1.00 0.00 ?  4 X34 B HO2 4  
HETATM 393 C C5  . X6Y A 1 . ? 5.006  -3.041 -5.110 1.00 0.00 ?  1 X6Y B C5  5  
HETATM 394 C C6  . X6Y A 1 . ? 5.696  -4.414 -5.056 1.00 0.00 ?  1 X6Y B C6  5  
HETATM 395 C C2  . X6Y A 1 . ? 4.433  -0.361 -4.182 1.00 0.00 ?  1 X6Y B C2  5  
HETATM 396 C C4  . X6Y A 1 . ? 3.873  -2.853 -4.063 1.00 0.00 ?  1 X6Y B C4  5  
HETATM 397 C C3  . X6Y A 1 . ? 3.334  -1.400 -4.101 1.00 0.00 ?  1 X6Y B C3  5  
HETATM 398 C C1  . X6Y A 1 . ? 5.573  -0.713 -5.160 1.00 0.00 ?  1 X6Y B C1  5  
HETATM 399 O O5  . X6Y A 1 . ? 6.017  -2.031 -4.966 1.00 0.00 ?  1 X6Y B O5  5  
HETATM 400 O O4  . X6Y A 1 . ? 4.245  -3.241 -2.743 1.00 0.00 ?  1 X6Y B O4  5  
HETATM 401 O O1  . X6Y A 1 . ? 5.152  -0.518 -6.448 1.00 0.00 ?  1 X6Y B O1  5  
HETATM 402 O O3  . X6Y A 1 . ? 2.417  -1.073 -3.042 1.00 0.00 ?  1 X6Y B O3  5  
HETATM 403 S S1  . X6Y A 1 . ? 4.440  2.121  -3.248 1.00 0.00 ?  1 X6Y B S1  5  
HETATM 404 O O6  . X6Y A 1 . ? 3.836  1.681  -1.992 1.00 0.00 -1 1 X6Y B O6  5  
HETATM 405 O O7  . X6Y A 1 . ? 5.904  2.054  -3.271 1.00 0.00 ?  1 X6Y B O7  5  
HETATM 406 O O8  . X6Y A 1 . ? 3.887  3.368  -3.778 1.00 0.00 ?  1 X6Y B O8  5  
HETATM 407 O O2  . X6Y A 1 . ? 3.963  0.980  -4.353 1.00 0.00 ?  1 X6Y B O2  5  
HETATM 408 H H5  . X6Y A 1 . ? 4.562  -2.962 -6.106 1.00 0.00 ?  1 X6Y B H5  5  
HETATM 409 H H61 . X6Y A 1 . ? 6.238  -4.551 -4.120 1.00 0.00 ?  1 X6Y B H61 5  
HETATM 410 H H63 . X6Y A 1 . ? 6.412  -4.523 -5.872 1.00 0.00 ?  1 X6Y B H63 5  
HETATM 411 H H62 . X6Y A 1 . ? 4.970  -5.223 -5.143 1.00 0.00 ?  1 X6Y B H62 5  
HETATM 412 H H2  . X6Y A 1 . ? 4.799  -0.500 -3.206 1.00 0.00 ?  1 X6Y B H2  5  
HETATM 413 H H4  . X6Y A 1 . ? 3.071  -3.525 -4.360 1.00 0.00 ?  1 X6Y B H4  5  
HETATM 414 H H3  . X6Y A 1 . ? 2.874  -1.212 -5.024 1.00 0.00 ?  1 X6Y B H3  5  
HETATM 415 H H1  . X6Y A 1 . ? 6.470  -0.130 -4.944 1.00 0.00 ?  1 X6Y B H1  5  
HETATM 416 H HO4 . X6Y A 1 . ? 3.406  -3.444 -2.266 1.00 0.00 ?  1 X6Y B HO4 5  
HETATM 417 H HO1 . X6Y A 1 . ? 5.955  -0.449 -6.979 1.00 0.00 ?  1 X6Y B HO1 5  
HETATM 418 C C5  . X6Y A 1 . ? 0.541  0.938  -4.010 1.00 0.00 ?  2 X6Y B C5  5  
HETATM 419 C C6  . X6Y A 1 . ? 0.137  1.687  -5.289 1.00 0.00 ?  2 X6Y B C6  5  
HETATM 420 C C2  . X6Y A 1 . ? 0.289  -1.072 -1.938 1.00 0.00 ?  2 X6Y B C2  5  
HETATM 421 C C4  . X6Y A 1 . ? -0.351 1.247  -2.782 1.00 0.00 ?  2 X6Y B C4  5  
HETATM 422 C C3  . X6Y A 1 . ? 0.152  0.406  -1.586 1.00 0.00 ?  2 X6Y B C3  5  
HETATM 423 C C1  . X6Y A 1 . ? 1.054  -1.290 -3.275 1.00 0.00 ?  2 X6Y B C1  5  
HETATM 424 O O5  . X6Y A 1 . ? 0.564  -0.465 -4.307 1.00 0.00 ?  2 X6Y B O5  5  
HETATM 425 O O4  . X6Y A 1 . ? -1.742 1.043  -3.035 1.00 0.00 ?  2 X6Y B O4  5  
HETATM 426 O O3  . X6Y A 1 . ? -0.642 0.554  -0.397 1.00 0.00 ?  2 X6Y B O3  5  
HETATM 427 S S1  . X6Y A 1 . ? 0.802  -3.436 -0.811 1.00 0.00 ?  2 X6Y B S1  5  
HETATM 428 O O6  . X6Y A 1 . ? 1.899  -3.821 -1.699 1.00 0.00 -1 2 X6Y B O6  5  
HETATM 429 O O7  . X6Y A 1 . ? 1.030  -3.780 0.593  1.00 0.00 ?  2 X6Y B O7  5  
HETATM 430 O O8  . X6Y A 1 . ? -0.529 -3.793 -1.306 1.00 0.00 ?  2 X6Y B O8  5  
HETATM 431 O O2  . X6Y A 1 . ? 0.833  -1.776 -0.817 1.00 0.00 ?  2 X6Y B O2  5  
HETATM 432 H H5  . X6Y A 1 . ? 1.556  1.260  -3.768 1.00 0.00 ?  2 X6Y B H5  5  
HETATM 433 H H61 . X6Y A 1 . ? -0.842 1.366  -5.647 1.00 0.00 ?  2 X6Y B H61 5  
HETATM 434 H H63 . X6Y A 1 . ? 0.857  1.509  -6.088 1.00 0.00 ?  2 X6Y B H63 5  
HETATM 435 H H62 . X6Y A 1 . ? 0.094  2.764  -5.120 1.00 0.00 ?  2 X6Y B H62 5  
HETATM 436 H H2  . X6Y A 1 . ? -0.736 -1.366 -2.058 1.00 0.00 ?  2 X6Y B H2  5  
HETATM 437 H H4  . X6Y A 1 . ? -0.238 2.306  -2.546 1.00 0.00 ?  2 X6Y B H4  5  
HETATM 438 H H3  . X6Y A 1 . ? 1.166  0.665  -1.350 1.00 0.00 ?  2 X6Y B H3  5  
HETATM 439 H H1  . X6Y A 1 . ? 0.906  -2.294 -3.680 1.00 0.00 ?  2 X6Y B H1  5  
HETATM 440 H HO4 . X6Y A 1 . ? -2.248 1.532  -2.343 1.00 0.00 ?  2 X6Y B HO4 5  
HETATM 441 C C5  . X2Y A 1 . ? 1.237  0.963  1.811  1.00 0.00 ?  3 X2Y B C5  5  
HETATM 442 C C4  . X2Y A 1 . ? 0.348  1.134  3.060  1.00 0.00 ?  3 X2Y B C4  5  
HETATM 443 C C3  . X2Y A 1 . ? -1.111 0.850  2.637  1.00 0.00 ?  3 X2Y B C3  5  
HETATM 444 C C2  . X2Y A 1 . ? -1.535 1.736  1.476  1.00 0.00 ?  3 X2Y B C2  5  
HETATM 445 C C1  . X2Y A 1 . ? -0.492 1.738  0.332  1.00 0.00 ?  3 X2Y B C1  5  
HETATM 446 O O5  . X2Y A 1 . ? 0.830  1.889  0.795  1.00 0.00 ?  3 X2Y B O5  5  
HETATM 447 C C6  . X2Y A 1 . ? 2.729  1.196  2.087  1.00 0.00 ?  3 X2Y B C6  5  
HETATM 448 O O3  . X2Y A 1 . ? -1.996 0.916  3.766  1.00 0.00 ?  3 X2Y B O3  5  
HETATM 449 S S1  . X2Y A 1 . ? -3.682 2.524  0.100  1.00 0.00 ?  3 X2Y B S1  5  
HETATM 450 O O6  . X2Y A 1 . ? -3.024 2.441  -1.205 1.00 0.00 -1 3 X2Y B O6  5  
HETATM 451 O O7  . X2Y A 1 . ? -3.506 3.810  0.777  1.00 0.00 ?  3 X2Y B O7  5  
HETATM 452 O O8  . X2Y A 1 . ? -5.060 2.033  0.103  1.00 0.00 ?  3 X2Y B O8  5  
HETATM 453 O O2  . X2Y A 1 . ? -2.866 1.429  1.048  1.00 0.00 ?  3 X2Y B O2  5  
HETATM 454 S S2  . X2Y A 1 . ? 0.738  2.750  5.157  1.00 0.00 ?  3 X2Y B S2  5  
HETATM 455 O O9  . X2Y A 1 . ? -0.522 2.367  5.792  1.00 0.00 -1 3 X2Y B O9  5  
HETATM 456 O O10 . X2Y A 1 . ? 1.026  4.183  5.229  1.00 0.00 ?  3 X2Y B O10 5  
HETATM 457 O O11 . X2Y A 1 . ? 1.874  1.898  5.513  1.00 0.00 ?  3 X2Y B O11 5  
HETATM 458 O O4  . X2Y A 1 . ? 0.492  2.478  3.539  1.00 0.00 ?  3 X2Y B O4  5  
HETATM 459 H H5  . X2Y A 1 . ? 1.135  -0.057 1.431  1.00 0.00 ?  3 X2Y B H5  5  
HETATM 460 H H4  . X2Y A 1 . ? 0.666  0.429  3.834  1.00 0.00 ?  3 X2Y B H4  5  
HETATM 461 H H3  . X2Y A 1 . ? -1.221 -0.087 2.139  1.00 0.00 ?  3 X2Y B H3  5  
HETATM 462 H H2  . X2Y A 1 . ? -1.532 2.692  1.933  1.00 0.00 ?  3 X2Y B H2  5  
HETATM 463 H H1  . X2Y A 1 . ? -0.639 2.615  -0.304 1.00 0.00 ?  3 X2Y B H1  5  
HETATM 464 H H61 . X2Y A 1 . ? 2.918  2.215  2.422  1.00 0.00 ?  3 X2Y B H61 5  
HETATM 465 H H63 . X2Y A 1 . ? 3.320  1.030  1.186  1.00 0.00 ?  3 X2Y B H63 5  
HETATM 466 H H62 . X2Y A 1 . ? 3.100  0.518  2.856  1.00 0.00 ?  3 X2Y B H62 5  
HETATM 467 C C5  . X34 A 1 . ? -4.670 -0.021 3.392  1.00 0.00 ?  4 X34 B C5  5  
HETATM 468 C C4  . X34 A 1 . ? -5.296 0.210  4.794  1.00 0.00 ?  4 X34 B C4  5  
HETATM 469 C C3  . X34 A 1 . ? -4.216 0.820  5.708  1.00 0.00 ?  4 X34 B C3  5  
HETATM 470 C C2  . X34 A 1 . ? -2.972 -0.102 5.719  1.00 0.00 ?  4 X34 B C2  5  
HETATM 471 C C1  . X34 A 1 . ? -2.454 -0.312 4.280  1.00 0.00 ?  4 X34 B C1  5  
HETATM 472 O O5  . X34 A 1 . ? -3.478 -0.829 3.460  1.00 0.00 ?  4 X34 B O5  5  
HETATM 473 C C6  . X34 A 1 . ? -5.620 -0.683 2.386  1.00 0.00 ?  4 X34 B C6  5  
HETATM 474 O O3  . X34 A 1 . ? -4.722 1.105  7.006  1.00 0.00 ?  4 X34 B O3  5  
HETATM 475 O O2  . X34 A 1 . ? -1.941 0.311  6.607  1.00 0.00 ?  4 X34 B O2  5  
HETATM 476 S S1  . X34 A 1 . ? -7.408 -1.164 5.696  1.00 0.00 ?  4 X34 B S1  5  
HETATM 477 O O6  . X34 A 1 . ? -7.652 -0.171 6.745  1.00 0.00 ?  4 X34 B O6  5  
HETATM 478 O O7  . X34 A 1 . ? -8.106 -0.881 4.443  1.00 0.00 -1 4 X34 B O7  5  
HETATM 479 O O8  . X34 A 1 . ? -7.545 -2.548 6.155  1.00 0.00 ?  4 X34 B O8  5  
HETATM 480 O O4  . X34 A 1 . ? -5.790 -1.026 5.331  1.00 0.00 ?  4 X34 B O4  5  
HETATM 481 H H5  . X34 A 1 . ? -4.410 0.957  2.981  1.00 0.00 ?  4 X34 B H5  5  
HETATM 482 H H4  . X34 A 1 . ? -6.113 0.929  4.729  1.00 0.00 ?  4 X34 B H4  5  
HETATM 483 H H3  . X34 A 1 . ? -3.915 1.788  5.295  1.00 0.00 ?  4 X34 B H3  5  
HETATM 484 H H2  . X34 A 1 . ? -3.278 -1.085 6.087  1.00 0.00 ?  4 X34 B H2  5  
HETATM 485 H H1  . X34 A 1 . ? -1.667 -1.077 4.271  1.00 0.00 ?  4 X34 B H1  5  
HETATM 486 H H63 . X34 A 1 . ? -5.886 -1.694 2.694  1.00 0.00 ?  4 X34 B H63 5  
HETATM 487 H H62 . X34 A 1 . ? -5.158 -0.746 1.400  1.00 0.00 ?  4 X34 B H62 5  
HETATM 488 H H61 . X34 A 1 . ? -6.542 -0.110 2.277  1.00 0.00 ?  4 X34 B H61 5  
HETATM 489 H HO3 . X34 A 1 . ? -3.955 1.286  7.565  1.00 0.00 ?  4 X34 B HO3 5  
HETATM 490 H HO2 . X34 A 1 . ? -1.522 1.130  6.253  1.00 0.00 ?  4 X34 B HO2 5  
HETATM 491 C C5  . X6Y A 1 . ? 5.257  -3.317 -4.145 1.00 0.00 ?  1 X6Y B C5  6  
HETATM 492 C C6  . X6Y A 1 . ? 5.896  -4.640 -3.693 1.00 0.00 ?  1 X6Y B C6  6  
HETATM 493 C C2  . X6Y A 1 . ? 4.655  -0.494 -3.929 1.00 0.00 ?  1 X6Y B C2  6  
HETATM 494 C C4  . X6Y A 1 . ? 4.030  -2.882 -3.297 1.00 0.00 ?  1 X6Y B C4  6  
HETATM 495 C C3  . X6Y A 1 . ? 3.531  -1.495 -3.759 1.00 0.00 ?  1 X6Y B C3  6  
HETATM 496 C C1  . X6Y A 1 . ? 5.891  -1.060 -4.661 1.00 0.00 ?  1 X6Y B C1  6  
HETATM 497 O O5  . X6Y A 1 . ? 6.276  -2.302 -4.128 1.00 0.00 ?  1 X6Y B O5  6  
HETATM 498 O O4  . X6Y A 1 . ? 4.283  -2.900 -1.890 1.00 0.00 ?  1 X6Y B O4  6  
HETATM 499 O O1  . X6Y A 1 . ? 5.627  -1.161 -6.001 1.00 0.00 ?  1 X6Y B O1  6  
HETATM 500 O O3  . X6Y A 1 . ? 2.482  -0.978 -2.923 1.00 0.00 ?  1 X6Y B O3  6  
HETATM 501 S S1  . X6Y A 1 . ? 4.648  2.135  -3.592 1.00 0.00 ?  1 X6Y B S1  6  
HETATM 502 O O6  . X6Y A 1 . ? 3.919  1.997  -2.332 1.00 0.00 -1 1 X6Y B O6  6  
HETATM 503 O O7  . X6Y A 1 . ? 6.105  2.055  -3.458 1.00 0.00 ?  1 X6Y B O7  6  
HETATM 504 O O8  . X6Y A 1 . ? 4.182  3.231  -4.441 1.00 0.00 ?  1 X6Y B O8  6  
HETATM 505 O O2  . X6Y A 1 . ? 4.241  0.774  -4.448 1.00 0.00 ?  1 X6Y B O2  6  
HETATM 506 H H5  . X6Y A 1 . ? 4.923  -3.471 -5.174 1.00 0.00 ?  1 X6Y B H5  6  
HETATM 507 H H61 . X6Y A 1 . ? 6.329  -4.554 -2.696 1.00 0.00 ?  1 X6Y B H61 6  
HETATM 508 H H63 . X6Y A 1 . ? 6.694  -4.939 -4.374 1.00 0.00 ?  1 X6Y B H63 6  
HETATM 509 H H62 . X6Y A 1 . ? 5.162  -5.446 -3.671 1.00 0.00 ?  1 X6Y B H62 6  
HETATM 510 H H2  . X6Y A 1 . ? 4.904  -0.409 -2.910 1.00 0.00 ?  1 X6Y B H2  6  
HETATM 511 H H4  . X6Y A 1 . ? 3.233  -3.595 -3.490 1.00 0.00 ?  1 X6Y B H4  6  
HETATM 512 H H3  . X6Y A 1 . ? 3.221  -1.534 -4.760 1.00 0.00 ?  1 X6Y B H3  6  
HETATM 513 H H1  . X6Y A 1 . ? 6.774  -0.444 -4.477 1.00 0.00 ?  1 X6Y B H1  6  
HETATM 514 H HO4 . X6Y A 1 . ? 3.464  -2.651 -1.435 1.00 0.00 ?  1 X6Y B HO4 6  
HETATM 515 H HO1 . X6Y A 1 . ? 6.488  -1.215 -6.435 1.00 0.00 ?  1 X6Y B HO1 6  
HETATM 516 C C5  . X6Y A 1 . ? 0.817  0.933  -4.314 1.00 0.00 ?  2 X6Y B C5  6  
HETATM 517 C C6  . X6Y A 1 . ? 0.579  1.559  -5.698 1.00 0.00 ?  2 X6Y B C6  6  
HETATM 518 C C2  . X6Y A 1 . ? 0.239  -0.848 -2.111 1.00 0.00 ?  2 X6Y B C2  6  
HETATM 519 C C4  . X6Y A 1 . ? -0.184 1.398  -3.223 1.00 0.00 ?  2 X6Y B C4  6  
HETATM 520 C C3  . X6Y A 1 . ? 0.146  0.658  -1.906 1.00 0.00 ?  2 X6Y B C3  6  
HETATM 521 C C1  . X6Y A 1 . ? 1.155  -1.220 -3.305 1.00 0.00 ?  2 X6Y B C1  6  
HETATM 522 O O5  . X6Y A 1 . ? 0.818  -0.496 -4.466 1.00 0.00 ?  2 X6Y B O5  6  
HETATM 523 O O4  . X6Y A 1 . ? -1.549 1.226  -3.611 1.00 0.00 ?  2 X6Y B O4  6  
HETATM 524 O O3  . X6Y A 1 . ? -0.786 0.914  -0.854 1.00 0.00 ?  2 X6Y B O3  6  
HETATM 525 S S1  . X6Y A 1 . ? -0.278 -2.728 -0.305 1.00 0.00 ?  2 X6Y B S1  6  
HETATM 526 O O6  . X6Y A 1 . ? -0.597 -3.568 -1.461 1.00 0.00 -1 2 X6Y B O6  6  
HETATM 527 O O7  . X6Y A 1 . ? 0.587  -3.373 0.682  1.00 0.00 ?  2 X6Y B O7  6  
HETATM 528 O O8  . X6Y A 1 . ? -1.431 -2.039 0.279  1.00 0.00 ?  2 X6Y B O8  6  
HETATM 529 O O2  . X6Y A 1 . ? 0.673  -1.515 -0.923 1.00 0.00 ?  2 X6Y B O2  6  
HETATM 530 H H5  . X6Y A 1 . ? 1.811  1.247  -3.997 1.00 0.00 ?  2 X6Y B H5  6  
HETATM 531 H H61 . X6Y A 1 . ? -0.366 1.227  -6.127 1.00 0.00 ?  2 X6Y B H61 6  
HETATM 532 H H63 . X6Y A 1 . ? 1.375  1.282  -6.390 1.00 0.00 ?  2 X6Y B H63 6  
HETATM 533 H H62 . X6Y A 1 . ? 0.557  2.647  -5.640 1.00 0.00 ?  2 X6Y B H62 6  
HETATM 534 H H2  . X6Y A 1 . ? -0.780 -1.101 -2.338 1.00 0.00 ?  2 X6Y B H2  6  
HETATM 535 H H4  . X6Y A 1 . ? -0.045 2.471  -3.068 1.00 0.00 ?  2 X6Y B H4  6  
HETATM 536 H H3  . X6Y A 1 . ? 1.130  0.903  -1.564 1.00 0.00 ?  2 X6Y B H3  6  
HETATM 537 H H1  . X6Y A 1 . ? 1.017  -2.268 -3.597 1.00 0.00 ?  2 X6Y B H1  6  
HETATM 538 H HO4 . X6Y A 1 . ? -2.107 1.783  -3.018 1.00 0.00 ?  2 X6Y B HO4 6  
HETATM 539 C C5  . X2Y A 1 . ? 0.825  1.384  1.531  1.00 0.00 ?  3 X2Y B C5  6  
HETATM 540 C C4  . X2Y A 1 . ? -0.244 1.474  2.644  1.00 0.00 ?  3 X2Y B C4  6  
HETATM 541 C C3  . X2Y A 1 . ? -1.617 1.209  1.985  1.00 0.00 ?  3 X2Y B C3  6  
HETATM 542 C C2  . X2Y A 1 . ? -1.881 2.151  0.826  1.00 0.00 ?  3 X2Y B C2  6  
HETATM 543 C C1  . X2Y A 1 . ? -0.709 2.130  -0.173 1.00 0.00 ?  3 X2Y B C1  6  
HETATM 544 O O5  . X2Y A 1 . ? 0.538  2.299  0.462  1.00 0.00 ?  3 X2Y B O5  6  
HETATM 545 C C6  . X2Y A 1 . ? 2.251  1.671  2.021  1.00 0.00 ?  3 X2Y B C6  6  
HETATM 546 O O3  . X2Y A 1 . ? -2.668 1.169  2.960  1.00 0.00 ?  3 X2Y B O3  6  
HETATM 547 S S1  . X2Y A 1 . ? -3.798 2.982  -0.842 1.00 0.00 ?  3 X2Y B S1  6  
HETATM 548 O O6  . X2Y A 1 . ? -3.004 2.789  -2.057 1.00 0.00 -1 3 X2Y B O6  6  
HETATM 549 O O7  . X2Y A 1 . ? -3.618 4.290  -0.209 1.00 0.00 ?  3 X2Y B O7  6  
HETATM 550 O O8  . X2Y A 1 . ? -5.196 2.569  -0.974 1.00 0.00 ?  3 X2Y B O8  6  
HETATM 551 O O2  . X2Y A 1 . ? -3.164 1.894  0.243  1.00 0.00 ?  3 X2Y B O2  6  
HETATM 552 S S2  . X2Y A 1 . ? -0.064 2.880  4.900  1.00 0.00 ?  3 X2Y B S2  6  
HETATM 553 O O9  . X2Y A 1 . ? -1.209 2.149  5.442  1.00 0.00 -1 3 X2Y B O9  6  
HETATM 554 O O10 . X2Y A 1 . ? -0.095 4.320  5.159  1.00 0.00 ?  3 X2Y B O10 6  
HETATM 555 O O11 . X2Y A 1 . ? 1.228  2.254  5.185  1.00 0.00 ?  3 X2Y B O11 6  
HETATM 556 O O4  . X2Y A 1 . ? -0.228 2.771  3.251  1.00 0.00 ?  3 X2Y B O4  6  
HETATM 557 H H5  . X2Y A 1 . ? 0.826  0.367  1.129  1.00 0.00 ?  3 X2Y B H5  6  
HETATM 558 H H4  . X2Y A 1 . ? -0.021 0.723  3.413  1.00 0.00 ?  3 X2Y B H4  6  
HETATM 559 H H3  . X2Y A 1 . ? -1.598 0.308  1.420  1.00 0.00 ?  3 X2Y B H3  6  
HETATM 560 H H2  . X2Y A 1 . ? -1.891 3.099  1.294  1.00 0.00 ?  3 X2Y B H2  6  
HETATM 561 H H1  . X2Y A 1 . ? -0.775 2.983  -0.850 1.00 0.00 ?  3 X2Y B H1  6  
HETATM 562 H H61 . X2Y A 1 . ? 2.348  2.696  2.381  1.00 0.00 ?  3 X2Y B H61 6  
HETATM 563 H H63 . X2Y A 1 . ? 2.973  1.534  1.216  1.00 0.00 ?  3 X2Y B H63 6  
HETATM 564 H H62 . X2Y A 1 . ? 2.532  1.003  2.835  1.00 0.00 ?  3 X2Y B H62 6  
HETATM 565 C C5  . X34 A 1 . ? -4.779 0.779  4.848  1.00 0.00 ?  4 X34 B C5  6  
HETATM 566 C C4  . X34 A 1 . ? -4.400 -0.529 5.590  1.00 0.00 ?  4 X34 B C4  6  
HETATM 567 C C3  . X34 A 1 . ? -3.049 -1.014 5.037  1.00 0.00 ?  4 X34 B C3  6  
HETATM 568 C C2  . X34 A 1 . ? -3.109 -1.177 3.496  1.00 0.00 ?  4 X34 B C2  6  
HETATM 569 C C1  . X34 A 1 . ? -3.623 0.141  2.847  1.00 0.00 ?  4 X34 B C1  6  
HETATM 570 O O5  . X34 A 1 . ? -4.834 0.565  3.428  1.00 0.00 ?  4 X34 B O5  6  
HETATM 571 C C6  . X34 A 1 . ? -6.125 1.374  5.282  1.00 0.00 ?  4 X34 B C6  6  
HETATM 572 O O3  . X34 A 1 . ? -2.591 -2.183 5.706  1.00 0.00 ?  4 X34 B O3  6  
HETATM 573 O O2  . X34 A 1 . ? -1.866 -1.653 2.981  1.00 0.00 ?  4 X34 B O2  6  
HETATM 574 S S1  . X34 A 1 . ? -6.211 -2.129 6.739  1.00 0.00 ?  4 X34 B S1  6  
HETATM 575 O O6  . X34 A 1 . ? -5.175 -2.792 7.534  1.00 0.00 ?  4 X34 B O6  6  
HETATM 576 O O7  . X34 A 1 . ? -6.800 -0.963 7.396  1.00 0.00 -1 4 X34 B O7  6  
HETATM 577 O O8  . X34 A 1 . ? -7.195 -3.051 6.169  1.00 0.00 ?  4 X34 B O8  6  
HETATM 578 O O4  . X34 A 1 . ? -5.420 -1.522 5.407  1.00 0.00 ?  4 X34 B O4  6  
HETATM 579 H H5  . X34 A 1 . ? -4.018 1.534  5.063  1.00 0.00 ?  4 X34 B H5  6  
HETATM 580 H H4  . X34 A 1 . ? -4.274 -0.332 6.656  1.00 0.00 ?  4 X34 B H4  6  
HETATM 581 H H3  . X34 A 1 . ? -2.296 -0.248 5.253  1.00 0.00 ?  4 X34 B H3  6  
HETATM 582 H H2  . X34 A 1 . ? -3.848 -1.948 3.257  1.00 0.00 ?  4 X34 B H2  6  
HETATM 583 H H1  . X34 A 1 . ? -3.933 -0.003 1.806  1.00 0.00 ?  4 X34 B H1  6  
HETATM 584 H H63 . X34 A 1 . ? -6.951 0.704  5.045  1.00 0.00 ?  4 X34 B H63 6  
HETATM 585 H H62 . X34 A 1 . ? -6.313 2.323  4.777  1.00 0.00 ?  4 X34 B H62 6  
HETATM 586 H H61 . X34 A 1 . ? -6.145 1.565  6.355  1.00 0.00 ?  4 X34 B H61 6  
HETATM 587 H HO3 . X34 A 1 . ? -1.845 -2.511 5.184  1.00 0.00 ?  4 X34 B HO3 6  
HETATM 588 H HO2 . X34 A 1 . ? -1.943 -1.826 2.021  1.00 0.00 ?  4 X34 B HO2 6  
HETATM 589 C C5  . X6Y A 1 . ? 5.839  -2.448 -4.736 1.00 0.00 ?  1 X6Y B C5  7  
HETATM 590 C C6  . X6Y A 1 . ? 6.823  -3.594 -4.455 1.00 0.00 ?  1 X6Y B C6  7  
HETATM 591 C C2  . X6Y A 1 . ? 4.574  0.102  -4.213 1.00 0.00 ?  1 X6Y B C2  7  
HETATM 592 C C4  . X6Y A 1 . ? 4.618  -2.407 -3.776 1.00 0.00 ?  1 X6Y B C4  7  
HETATM 593 C C3  . X6Y A 1 . ? 3.753  -1.163 -4.071 1.00 0.00 ?  1 X6Y B C3  7  
HETATM 594 C C1  . X6Y A 1 . ? 5.845  -0.071 -5.071 1.00 0.00 ?  1 X6Y B C1  7  
HETATM 595 O O5  . X6Y A 1 . ? 6.570  -1.211 -4.684 1.00 0.00 ?  1 X6Y B O5  7  
HETATM 596 O O4  . X6Y A 1 . ? 4.985  -2.471 -2.396 1.00 0.00 ?  1 X6Y B O4  7  
HETATM 597 O O1  . X6Y A 1 . ? 5.503  -0.133 -6.396 1.00 0.00 ?  1 X6Y B O1  7  
HETATM 598 O O3  . X6Y A 1 . ? 2.682  -0.994 -3.127 1.00 0.00 ?  1 X6Y B O3  7  
HETATM 599 S S1  . X6Y A 1 . ? 3.935  2.607  -3.628 1.00 0.00 ?  1 X6Y B S1  7  
HETATM 600 O O6  . X6Y A 1 . ? 3.371  2.190  -2.344 1.00 0.00 -1 1 X6Y B O6  7  
HETATM 601 O O7  . X6Y A 1 . ? 5.371  2.894  -3.592 1.00 0.00 ?  1 X6Y B O7  7  
HETATM 602 O O8  . X6Y A 1 . ? 3.138  3.608  -4.339 1.00 0.00 ?  1 X6Y B O8  7  
HETATM 603 O O2  . X6Y A 1 . ? 3.813  1.257  -4.583 1.00 0.00 ?  1 X6Y B O2  7  
HETATM 604 H H5  . X6Y A 1 . ? 5.469  -2.601 -5.752 1.00 0.00 ?  1 X6Y B H5  7  
HETATM 605 H H61 . X6Y A 1 . ? 7.303  -3.480 -3.483 1.00 0.00 ?  1 X6Y B H61 7  
HETATM 606 H H63 . X6Y A 1 . ? 7.609  -3.627 -5.210 1.00 0.00 ?  1 X6Y B H63 7  
HETATM 607 H H62 . X6Y A 1 . ? 6.316  -4.561 -4.465 1.00 0.00 ?  1 X6Y B H62 7  
HETATM 608 H H2  . X6Y A 1 . ? 4.877  0.170  -3.208 1.00 0.00 ?  1 X6Y B H2  7  
HETATM 609 H H4  . X6Y A 1 . ? 4.011  -3.285 -3.987 1.00 0.00 ?  1 X6Y B H4  7  
HETATM 610 H H3  . X6Y A 1 . ? 3.381  -1.202 -5.050 1.00 0.00 ?  1 X6Y B H3  7  
HETATM 611 H H1  . X6Y A 1 . ? 6.559  0.733  -4.884 1.00 0.00 ?  1 X6Y B H1  7  
HETATM 612 H HO4 . X6Y A 1 . ? 4.171  -2.505 -1.871 1.00 0.00 ?  1 X6Y B HO4 7  
HETATM 613 H HO1 . X6Y A 1 . ? 6.312  0.069  -6.884 1.00 0.00 ?  1 X6Y B HO1 7  
HETATM 614 C C5  . X6Y A 1 . ? 0.472  0.516  -4.237 1.00 0.00 ?  2 X6Y B C5  7  
HETATM 615 C C6  . X6Y A 1 . ? -0.030 1.152  -5.543 1.00 0.00 ?  2 X6Y B C6  7  
HETATM 616 C C2  . X6Y A 1 . ? 0.551  -1.501 -2.166 1.00 0.00 ?  2 X6Y B C2  7  
HETATM 617 C C4  . X6Y A 1 . ? -0.525 0.622  -3.052 1.00 0.00 ?  2 X6Y B C4  7  
HETATM 618 C C3  . X6Y A 1 . ? 0.092  -0.089 -1.826 1.00 0.00 ?  2 X6Y B C3  7  
HETATM 619 C C1  . X6Y A 1 . ? 1.430  -1.539 -3.446 1.00 0.00 ?  2 X6Y B C1  7  
HETATM 620 O O5  . X6Y A 1 . ? 0.829  -0.847 -4.516 1.00 0.00 ?  2 X6Y B O5  7  
HETATM 621 O O4  . X6Y A 1 . ? -1.822 0.115  -3.369 1.00 0.00 ?  2 X6Y B O4  7  
HETATM 622 O O3  . X6Y A 1 . ? -0.763 -0.116 -0.670 1.00 0.00 ?  2 X6Y B O3  7  
HETATM 623 S S1  . X6Y A 1 . ? 0.976  -3.714 -0.770 1.00 0.00 ?  2 X6Y B S1  7  
HETATM 624 O O6  . X6Y A 1 . ? 1.422  -4.371 -1.998 1.00 0.00 -1 2 X6Y B O6  7  
HETATM 625 O O7  . X6Y A 1 . ? 1.814  -3.992 0.398  1.00 0.00 ?  2 X6Y B O7  7  
HETATM 626 O O8  . X6Y A 1 . ? -0.461 -3.830 -0.515 1.00 0.00 ?  2 X6Y B O8  7  
HETATM 627 O O2  . X6Y A 1 . ? 1.220  -2.097 -1.053 1.00 0.00 ?  2 X6Y B O2  7  
HETATM 628 H H5  . X6Y A 1 . ? 1.374  1.059  -3.954 1.00 0.00 ?  2 X6Y B H5  7  
HETATM 629 H H61 . X6Y A 1 . ? -0.891 0.614  -5.942 1.00 0.00 ?  2 X6Y B H61 7  
HETATM 630 H H63 . X6Y A 1 . ? 0.749  1.142  -6.304 1.00 0.00 ?  2 X6Y B H63 7  
HETATM 631 H H62 . X6Y A 1 . ? -0.327 2.190  -5.388 1.00 0.00 ?  2 X6Y B H62 7  
HETATM 632 H H2  . X6Y A 1 . ? -0.382 -2.000 -2.348 1.00 0.00 ?  2 X6Y B H2  7  
HETATM 633 H H4  . X6Y A 1 . ? -0.660 1.680  -2.820 1.00 0.00 ?  2 X6Y B H4  7  
HETATM 634 H H3  . X6Y A 1 . ? 1.018  0.379  -1.552 1.00 0.00 ?  2 X6Y B H3  7  
HETATM 635 H H1  . X6Y A 1 . ? 1.534  -2.560 -3.827 1.00 0.00 ?  2 X6Y B H1  7  
HETATM 636 H HO4 . X6Y A 1 . ? -2.454 0.466  -2.698 1.00 0.00 ?  2 X6Y B HO4 7  
HETATM 637 C C5  . X2Y A 1 . ? 0.943  0.621  1.550  1.00 0.00 ?  3 X2Y B C5  7  
HETATM 638 C C4  . X2Y A 1 . ? 0.038  0.583  2.798  1.00 0.00 ?  3 X2Y B C4  7  
HETATM 639 C C3  . X2Y A 1 . ? -1.357 0.056  2.375  1.00 0.00 ?  3 X2Y B C3  7  
HETATM 640 C C2  . X2Y A 1 . ? -1.927 0.836  1.188  1.00 0.00 ?  3 X2Y B C2  7  
HETATM 641 C C1  . X2Y A 1 . ? -0.881 1.066  0.069  1.00 0.00 ?  3 X2Y B C1  7  
HETATM 642 O O5  . X2Y A 1 . ? 0.365  1.485  0.566  1.00 0.00 ?  3 X2Y B O5  7  
HETATM 643 C C6  . X2Y A 1 . ? 2.367  1.121  1.826  1.00 0.00 ?  3 X2Y B C6  7  
HETATM 644 O O3  . X2Y A 1 . ? -2.147 -0.066 3.568  1.00 0.00 ?  3 X2Y B O3  7  
HETATM 645 S S1  . X2Y A 1 . ? -4.126 1.173  -0.298 1.00 0.00 ?  3 X2Y B S1  7  
HETATM 646 O O6  . X2Y A 1 . ? -3.450 1.152  -1.595 1.00 0.00 -1 3 X2Y B O6  7  
HETATM 647 O O7  . X2Y A 1 . ? -4.178 2.497  0.321  1.00 0.00 ?  3 X2Y B O7  7  
HETATM 648 O O8  . X2Y A 1 . ? -5.398 0.451  -0.285 1.00 0.00 ?  3 X2Y B O8  7  
HETATM 649 O O2  . X2Y A 1 . ? -3.144 0.266  0.691  1.00 0.00 ?  3 X2Y B O2  7  
HETATM 650 S S2  . X2Y A 1 . ? 0.352  2.176  4.920  1.00 0.00 ?  3 X2Y B S2  7  
HETATM 651 O O9  . X2Y A 1 . ? -0.579 1.373  5.710  1.00 0.00 -1 3 X2Y B O9  7  
HETATM 652 O O10 . X2Y A 1 . ? 0.180  3.620  5.086  1.00 0.00 ?  3 X2Y B O10 7  
HETATM 653 O O11 . X2Y A 1 . ? 1.744  1.731  5.007  1.00 0.00 ?  3 X2Y B O11 7  
HETATM 654 O O4  . X2Y A 1 . ? -0.085 1.906  3.340  1.00 0.00 ?  3 X2Y B O4  7  
HETATM 655 H H5  . X2Y A 1 . ? 1.033  -0.390 1.144  1.00 0.00 ?  3 X2Y B H5  7  
HETATM 656 H H4  . X2Y A 1 . ? 0.493  -0.068 3.554  1.00 0.00 ?  3 X2Y B H4  7  
HETATM 657 H H3  . X2Y A 1 . ? -1.321 -0.910 1.927  1.00 0.00 ?  3 X2Y B H3  7  
HETATM 658 H H2  . X2Y A 1 . ? -2.141 1.764  1.649  1.00 0.00 ?  3 X2Y B H2  7  
HETATM 659 H H1  . X2Y A 1 . ? -1.195 1.898  -0.567 1.00 0.00 ?  3 X2Y B H1  7  
HETATM 660 H H61 . X2Y A 1 . ? 2.365  2.149  2.188  1.00 0.00 ?  3 X2Y B H61 7  
HETATM 661 H H63 . X2Y A 1 . ? 2.971  1.092  0.919  1.00 0.00 ?  3 X2Y B H63 7  
HETATM 662 H H62 . X2Y A 1 . ? 2.866  0.505  2.576  1.00 0.00 ?  3 X2Y B H62 7  
HETATM 663 C C5  . X34 A 1 . ? -4.368 1.536  4.317  1.00 0.00 ?  4 X34 B C5  7  
HETATM 664 C C4  . X34 A 1 . ? -4.811 0.906  5.664  1.00 0.00 ?  4 X34 B C4  7  
HETATM 665 C C3  . X34 A 1 . ? -3.860 -0.261 5.980  1.00 0.00 ?  4 X34 B C3  7  
HETATM 666 C C2  . X34 A 1 . ? -3.824 -1.264 4.799  1.00 0.00 ?  4 X34 B C2  7  
HETATM 667 C C1  . X34 A 1 . ? -3.466 -0.529 3.485  1.00 0.00 ?  4 X34 B C1  7  
HETATM 668 O O5  . X34 A 1 . ? -4.346 0.551  3.267  1.00 0.00 ?  4 X34 B O5  7  
HETATM 669 C C6  . X34 A 1 . ? -5.256 2.698  3.855  1.00 0.00 ?  4 X34 B C6  7  
HETATM 670 O O3  . X34 A 1 . ? -4.164 -0.875 7.228  1.00 0.00 ?  4 X34 B O3  7  
HETATM 671 O O2  . X34 A 1 . ? -2.967 -2.374 5.057  1.00 0.00 ?  4 X34 B O2  7  
HETATM 672 S S1  . X34 A 1 . ? -7.303 1.094  6.620  1.00 0.00 ?  4 X34 B S1  7  
HETATM 673 O O6  . X34 A 1 . ? -6.855 0.715  7.961  1.00 0.00 ?  4 X34 B O6  7  
HETATM 674 O O7  . X34 A 1 . ? -7.274 2.536  6.374  1.00 0.00 -1 4 X34 B O7  7  
HETATM 675 O O8  . X34 A 1 . ? -8.553 0.447  6.213  1.00 0.00 ?  4 X34 B O8  7  
HETATM 676 O O4  . X34 A 1 . ? -6.171 0.454  5.581  1.00 0.00 ?  4 X34 B O4  7  
HETATM 677 H H5  . X34 A 1 . ? -3.361 1.942  4.440  1.00 0.00 ?  4 X34 B H5  7  
HETATM 678 H H4  . X34 A 1 . ? -4.721 1.638  6.467  1.00 0.00 ?  4 X34 B H4  7  
HETATM 679 H H3  . X34 A 1 . ? -2.849 0.141  6.098  1.00 0.00 ?  4 X34 B H3  7  
HETATM 680 H H2  . X34 A 1 . ? -4.828 -1.679 4.664  1.00 0.00 ?  4 X34 B H2  7  
HETATM 681 H H1  . X34 A 1 . ? -3.603 -1.190 2.622  1.00 0.00 ?  4 X34 B H1  7  
HETATM 682 H H63 . X34 A 1 . ? -6.270 2.364  3.642  1.00 0.00 ?  4 X34 B H63 7  
HETATM 683 H H62 . X34 A 1 . ? -4.860 3.153  2.945  1.00 0.00 ?  4 X34 B H62 7  
HETATM 684 H H61 . X34 A 1 . ? -5.312 3.479  4.614  1.00 0.00 ?  4 X34 B H61 7  
HETATM 685 H HO3 . X34 A 1 . ? -3.609 -1.666 7.281  1.00 0.00 ?  4 X34 B HO3 7  
HETATM 686 H HO2 . X34 A 1 . ? -3.151 -3.065 4.401  1.00 0.00 ?  4 X34 B HO2 7  
HETATM 687 C C5  . X6Y A 1 . ? 5.265  -3.004 -4.868 1.00 0.00 ?  1 X6Y B C5  8  
HETATM 688 C C6  . X6Y A 1 . ? 6.058  -4.310 -4.682 1.00 0.00 ?  1 X6Y B C6  8  
HETATM 689 C C2  . X6Y A 1 . ? 4.414  -0.342 -4.125 1.00 0.00 ?  1 X6Y B C2  8  
HETATM 690 C C4  . X6Y A 1 . ? 4.034  -2.862 -3.929 1.00 0.00 ?  1 X6Y B C4  8  
HETATM 691 C C3  . X6Y A 1 . ? 3.382  -1.455 -4.061 1.00 0.00 ?  1 X6Y B C3  8  
HETATM 692 C C1  . X6Y A 1 . ? 5.645  -0.648 -5.003 1.00 0.00 ?  1 X6Y B C1  8  
HETATM 693 O O5  . X6Y A 1 . ? 6.178  -1.910 -4.700 1.00 0.00 ?  1 X6Y B O5  8  
HETATM 694 O O4  . X6Y A 1 . ? 4.308  -3.185 -2.568 1.00 0.00 ?  1 X6Y B O4  8  
HETATM 695 O O1  . X6Y A 1 . ? 5.299  -0.557 -6.327 1.00 0.00 ?  1 X6Y B O1  8  
HETATM 696 O O3  . X6Y A 1 . ? 2.392  -1.145 -3.055 1.00 0.00 ?  1 X6Y B O3  8  
HETATM 697 S S1  . X6Y A 1 . ? 4.325  2.200  -3.382 1.00 0.00 ?  1 X6Y B S1  8  
HETATM 698 O O6  . X6Y A 1 . ? 3.755  1.831  -2.086 1.00 0.00 -1 1 X6Y B O6  8  
HETATM 699 O O7  . X6Y A 1 . ? 5.789  2.197  -3.420 1.00 0.00 ?  1 X6Y B O7  8  
HETATM 700 O O8  . X6Y A 1 . ? 3.710  3.379  -3.994 1.00 0.00 ?  1 X6Y B O8  8  
HETATM 701 O O2  . X6Y A 1 . ? 3.881  0.958  -4.388 1.00 0.00 ?  1 X6Y B O2  8  
HETATM 702 H H5  . X6Y A 1 . ? 4.905  -3.012 -5.898 1.00 0.00 ?  1 X6Y B H5  8  
HETATM 703 H H61 . X6Y A 1 . ? 6.505  -4.367 -3.690 1.00 0.00 ?  1 X6Y B H61 8  
HETATM 704 H H63 . X6Y A 1 . ? 6.865  -4.383 -5.412 1.00 0.00 ?  1 X6Y B H63 8  
HETATM 705 H H62 . X6Y A 1 . ? 5.416  -5.182 -4.811 1.00 0.00 ?  1 X6Y B H62 8  
HETATM 706 H H2  . X6Y A 1 . ? 4.714  -0.414 -3.120 1.00 0.00 ?  1 X6Y B H2  8  
HETATM 707 H H4  . X6Y A 1 . ? 3.344  -3.623 -4.282 1.00 0.00 ?  1 X6Y B H4  8  
HETATM 708 H H3  . X6Y A 1 . ? 2.956  -1.346 -5.010 1.00 0.00 ?  1 X6Y B H3  8  
HETATM 709 H H1  . X6Y A 1 . ? 6.477  0.014  -4.753 1.00 0.00 ?  1 X6Y B H1  8  
HETATM 710 H HO4 . X6Y A 1 . ? 3.438  -3.390 -2.153 1.00 0.00 ?  1 X6Y B HO4 8  
HETATM 711 H HO1 . X6Y A 1 . ? 6.109  -0.343 -6.807 1.00 0.00 ?  1 X6Y B HO1 8  
HETATM 712 C C5  . X6Y A 1 . ? 0.584  0.930  -4.074 1.00 0.00 ?  2 X6Y B C5  8  
HETATM 713 C C6  . X6Y A 1 . ? 0.252  1.706  -5.358 1.00 0.00 ?  2 X6Y B C6  8  
HETATM 714 C C2  . X6Y A 1 . ? 0.212  -1.103 -2.043 1.00 0.00 ?  2 X6Y B C2  8  
HETATM 715 C C4  . X6Y A 1 . ? -0.359 1.233  -2.882 1.00 0.00 ?  2 X6Y B C4  8  
HETATM 716 C C3  . X6Y A 1 . ? 0.089  0.373  -1.678 1.00 0.00 ?  2 X6Y B C3  8  
HETATM 717 C C1  . X6Y A 1 . ? 1.030  -1.318 -3.354 1.00 0.00 ?  2 X6Y B C1  8  
HETATM 718 O O5  . X6Y A 1 . ? 0.595  -0.469 -4.389 1.00 0.00 ?  2 X6Y B O5  8  
HETATM 719 O O4  . X6Y A 1 . ? -1.739 1.046  -3.200 1.00 0.00 ?  2 X6Y B O4  8  
HETATM 720 O O3  . X6Y A 1 . ? -0.745 0.524  -0.517 1.00 0.00 ?  2 X6Y B O3  8  
HETATM 721 S S1  . X6Y A 1 . ? 0.694  -3.491 -0.952 1.00 0.00 ?  2 X6Y B S1  8  
HETATM 722 O O6  . X6Y A 1 . ? 1.895  -3.830 -1.715 1.00 0.00 -1 2 X6Y B O6  8  
HETATM 723 O O7  . X6Y A 1 . ? 0.762  -3.874 0.459  1.00 0.00 ?  2 X6Y B O7  8  
HETATM 724 O O8  . X6Y A 1 . ? -0.562 -3.858 -1.612 1.00 0.00 ?  2 X6Y B O8  8  
HETATM 725 O O2  . X6Y A 1 . ? 0.692  -1.831 -0.909 1.00 0.00 ?  2 X6Y B O2  8  
HETATM 726 H H5  . X6Y A 1 . ? 1.585  1.232  -3.773 1.00 0.00 ?  2 X6Y B H5  8  
HETATM 727 H H61 . X6Y A 1 . ? -0.729 1.430  -5.749 1.00 0.00 ?  2 X6Y B H61 8  
HETATM 728 H H63 . X6Y A 1 . ? 0.988  1.501  -6.137 1.00 0.00 ?  2 X6Y B H63 8  
HETATM 729 H H62 . X6Y A 1 . ? 0.252  2.781  -5.181 1.00 0.00 ?  2 X6Y B H62 8  
HETATM 730 H H2  . X6Y A 1 . ? -0.816 -1.373 -2.201 1.00 0.00 ?  2 X6Y B H2  8  
HETATM 731 H H4  . X6Y A 1 . ? -0.245 2.289  -2.634 1.00 0.00 ?  2 X6Y B H4  8  
HETATM 732 H H3  . X6Y A 1 . ? 1.097  0.614  -1.403 1.00 0.00 ?  2 X6Y B H3  8  
HETATM 733 H H1  . X6Y A 1 . ? 0.854  -2.305 -3.784 1.00 0.00 ?  2 X6Y B H1  8  
HETATM 734 H HO4 . X6Y A 1 . ? -2.278 1.466  -2.487 1.00 0.00 ?  2 X6Y B HO4 8  
HETATM 735 C C5  . X2Y A 1 . ? 1.142  0.956  1.639  1.00 0.00 ?  3 X2Y B C5  8  
HETATM 736 C C4  . X2Y A 1 . ? 0.267  1.060  2.908  1.00 0.00 ?  3 X2Y B C4  8  
HETATM 737 C C3  . X2Y A 1 . ? -1.201 0.780  2.501  1.00 0.00 ?  3 X2Y B C3  8  
HETATM 738 C C2  . X2Y A 1 . ? -1.657 1.677  1.362  1.00 0.00 ?  3 X2Y B C2  8  
HETATM 739 C C1  . X2Y A 1 . ? -0.626 1.714  0.211  1.00 0.00 ?  3 X2Y B C1  8  
HETATM 740 O O5  . X2Y A 1 . ? 0.686  1.918  0.676  1.00 0.00 ?  3 X2Y B O5  8  
HETATM 741 C C6  . X2Y A 1 . ? 2.632  1.218  1.894  1.00 0.00 ?  3 X2Y B C6  8  
HETATM 742 O O3  . X2Y A 1 . ? -2.064 0.819  3.645  1.00 0.00 ?  3 X2Y B O3  8  
HETATM 743 S S1  . X2Y A 1 . ? -3.793 2.446  -0.043 1.00 0.00 ?  3 X2Y B S1  8  
HETATM 744 O O6  . X2Y A 1 . ? -3.152 2.285  -1.348 1.00 0.00 -1 3 X2Y B O6  8  
HETATM 745 O O7  . X2Y A 1 . ? -3.575 3.756  0.571  1.00 0.00 ?  3 X2Y B O7  8  
HETATM 746 O O8  . X2Y A 1 . ? -5.184 1.996  -0.008 1.00 0.00 ?  3 X2Y B O8  8  
HETATM 747 O O2  . X2Y A 1 . ? -2.995 1.375  0.949  1.00 0.00 ?  3 X2Y B O2  8  
HETATM 748 S S2  . X2Y A 1 . ? 0.770  2.558  5.057  1.00 0.00 ?  3 X2Y B S2  8  
HETATM 749 O O9  . X2Y A 1 . ? -0.345 1.938  5.772  1.00 0.00 -1 3 X2Y B O9  8  
HETATM 750 O O10 . X2Y A 1 . ? 0.865  4.006  5.236  1.00 0.00 ?  3 X2Y B O10 8  
HETATM 751 O O11 . X2Y A 1 . ? 2.044  1.854  5.214  1.00 0.00 ?  3 X2Y B O11 8  
HETATM 752 O O4  . X2Y A 1 . ? 0.386  2.380  3.453  1.00 0.00 ?  3 X2Y B O4  8  
HETATM 753 H H5  . X2Y A 1 . ? 1.058  -0.051 1.223  1.00 0.00 ?  3 X2Y B H5  8  
HETATM 754 H H4  . X2Y A 1 . ? 0.615  0.330  3.647  1.00 0.00 ?  3 X2Y B H4  8  
HETATM 755 H H3  . X2Y A 1 . ? -1.321 -0.160 2.012  1.00 0.00 ?  3 X2Y B H3  8  
HETATM 756 H H2  . X2Y A 1 . ? -1.654 2.624  1.833  1.00 0.00 ?  3 X2Y B H2  8  
HETATM 757 H H1  . X2Y A 1 . ? -0.808 2.582  -0.426 1.00 0.00 ?  3 X2Y B H1  8  
HETATM 758 H H61 . X2Y A 1 . ? 2.800  2.225  2.278  1.00 0.00 ?  3 X2Y B H61 8  
HETATM 759 H H63 . X2Y A 1 . ? 3.206  1.116  0.973  1.00 0.00 ?  3 X2Y B H63 8  
HETATM 760 H H62 . X2Y A 1 . ? 3.040  0.513  2.618  1.00 0.00 ?  3 X2Y B H62 8  
HETATM 761 C C5  . X34 A 1 . ? -4.846 0.251  3.553  1.00 0.00 ?  4 X34 B C5  8  
HETATM 762 C C4  . X34 A 1 . ? -5.236 0.313  5.058  1.00 0.00 ?  4 X34 B C4  8  
HETATM 763 C C3  . X34 A 1 . ? -3.971 0.618  5.883  1.00 0.00 ?  4 X34 B C3  8  
HETATM 764 C C2  . X34 A 1 . ? -2.863 -0.412 5.550  1.00 0.00 ?  4 X34 B C2  8  
HETATM 765 C C1  . X34 A 1 . ? -2.593 -0.422 4.033  1.00 0.00 ?  4 X34 B C1  8  
HETATM 766 O O5  . X34 A 1 . ? -3.783 -0.695 3.331  1.00 0.00 ?  4 X34 B O5  8  
HETATM 767 C C6  . X34 A 1 . ? -6.007 -0.140 2.629  1.00 0.00 ?  4 X34 B C6  8  
HETATM 768 O O3  . X34 A 1 . ? -4.256 0.715  7.274  1.00 0.00 ?  4 X34 B O3  8  
HETATM 769 O O2  . X34 A 1 . ? -1.675 -0.256 6.315  1.00 0.00 ?  4 X34 B O2  8  
HETATM 770 S S1  . X34 A 1 . ? -7.389 -0.927 6.052  1.00 0.00 ?  4 X34 B S1  8  
HETATM 771 O O6  . X34 A 1 . ? -7.352 -0.107 7.265  1.00 0.00 ?  4 X34 B O6  8  
HETATM 772 O O7  . X34 A 1 . ? -8.195 -0.350 4.976  1.00 0.00 -1 4 X34 B O7  8  
HETATM 773 O O8  . X34 A 1 . ? -7.665 -2.342 6.307  1.00 0.00 ?  4 X34 B O8  8  
HETATM 774 O O4  . X34 A 1 . ? -5.829 -0.927 5.473  1.00 0.00 ?  4 X34 B O4  8  
HETATM 775 H H5  . X34 A 1 . ? -4.508 1.241  3.240  1.00 0.00 ?  4 X34 B H5  8  
HETATM 776 H H4  . X34 A 1 . ? -5.946 1.124  5.226  1.00 0.00 ?  4 X34 B H4  8  
HETATM 777 H H3  . X34 A 1 . ? -3.598 1.606  5.595  1.00 0.00 ?  4 X34 B H3  8  
HETATM 778 H H2  . X34 A 1 . ? -3.228 -1.413 5.794  1.00 0.00 ?  4 X34 B H2  8  
HETATM 779 H H1  . X34 A 1 . ? -1.917 -1.238 3.751  1.00 0.00 ?  4 X34 B H1  8  
HETATM 780 H H63 . X34 A 1 . ? -6.392 -1.130 2.869  1.00 0.00 ?  4 X34 B H63 8  
HETATM 781 H H62 . X34 A 1 . ? -5.685 -0.158 1.588  1.00 0.00 ?  4 X34 B H62 8  
HETATM 782 H H61 . X34 A 1 . ? -6.830 0.569  2.708  1.00 0.00 ?  4 X34 B H61 8  
HETATM 783 H HO3 . X34 A 1 . ? -3.405 0.803  7.726  1.00 0.00 ?  4 X34 B HO3 8  
HETATM 784 H HO2 . X34 A 1 . ? -1.239 0.589  6.054  1.00 0.00 ?  4 X34 B HO2 8  
HETATM 785 C C5  . X6Y A 1 . ? 5.599  -3.014 -4.584 1.00 0.00 ?  1 X6Y B C5  9  
HETATM 786 C C6  . X6Y A 1 . ? 6.371  -4.322 -4.341 1.00 0.00 ?  1 X6Y B C6  9  
HETATM 787 C C2  . X6Y A 1 . ? 4.737  -0.328 -3.940 1.00 0.00 ?  1 X6Y B C2  9  
HETATM 788 C C4  . X6Y A 1 . ? 4.338  -2.842 -3.692 1.00 0.00 ?  1 X6Y B C4  9  
HETATM 789 C C3  . X6Y A 1 . ? 3.710  -1.441 -3.906 1.00 0.00 ?  1 X6Y B C3  9  
HETATM 790 C C1  . X6Y A 1 . ? 6.005  -0.658 -4.754 1.00 0.00 ?  1 X6Y B C1  9  
HETATM 791 O O5  . X6Y A 1 . ? 6.514  -1.920 -4.407 1.00 0.00 ?  1 X6Y B O5  9  
HETATM 792 O O4  . X6Y A 1 . ? 4.575  -3.103 -2.310 1.00 0.00 ?  1 X6Y B O4  9  
HETATM 793 O O1  . X6Y A 1 . ? 5.726  -0.588 -6.093 1.00 0.00 ?  1 X6Y B O1  9  
HETATM 794 O O3  . X6Y A 1 . ? 2.649  -1.111 -2.992 1.00 0.00 ?  1 X6Y B O3  9  
HETATM 795 S S1  . X6Y A 1 . ? 4.487  2.211  -3.219 1.00 0.00 ?  1 X6Y B S1  9  
HETATM 796 O O6  . X6Y A 1 . ? 3.888  3.365  -3.888 1.00 0.00 -1 1 X6Y B O6  9  
HETATM 797 O O7  . X6Y A 1 . ? 3.811  1.814  -1.984 1.00 0.00 ?  1 X6Y B O7  9  
HETATM 798 O O8  . X6Y A 1 . ? 5.947  2.263  -3.114 1.00 0.00 ?  1 X6Y B O8  9  
HETATM 799 O O2  . X6Y A 1 . ? 4.197  0.956  -4.264 1.00 0.00 ?  1 X6Y B O2  9  
HETATM 800 H H5  . X6Y A 1 . ? 5.273  -3.041 -5.626 1.00 0.00 ?  1 X6Y B H5  9  
HETATM 801 H H61 . X6Y A 1 . ? 6.805  -4.348 -3.342 1.00 0.00 ?  1 X6Y B H61 9  
HETATM 802 H H63 . X6Y A 1 . ? 7.184  -4.433 -5.058 1.00 0.00 ?  1 X6Y B H63 9  
HETATM 803 H H62 . X6Y A 1 . ? 5.718  -5.190 -4.444 1.00 0.00 ?  1 X6Y B H62 9  
HETATM 804 H H2  . X6Y A 1 . ? 4.995  -0.372 -2.921 1.00 0.00 ?  1 X6Y B H2  9  
HETATM 805 H H4  . X6Y A 1 . ? 3.625  -3.592 -4.023 1.00 0.00 ?  1 X6Y B H4  9  
HETATM 806 H H3  . X6Y A 1 . ? 3.355  -1.354 -4.888 1.00 0.00 ?  1 X6Y B H3  9  
HETATM 807 H H1  . X6Y A 1 . ? 6.829  0.005  -4.485 1.00 0.00 ?  1 X6Y B H1  9  
HETATM 808 H HO4 . X6Y A 1 . ? 3.702  -3.331 -1.915 1.00 0.00 ?  1 X6Y B HO4 9  
HETATM 809 H HO1 . X6Y A 1 . ? 6.580  -0.494 -6.534 1.00 0.00 ?  1 X6Y B HO1 9  
HETATM 810 C C5  . X6Y A 1 . ? 0.777  0.676  -4.337 1.00 0.00 ?  2 X6Y B C5  9  
HETATM 811 C C6  . X6Y A 1 . ? 0.490  1.298  -5.712 1.00 0.00 ?  2 X6Y B C6  9  
HETATM 812 C C2  . X6Y A 1 . ? 0.402  -1.193 -2.154 1.00 0.00 ?  2 X6Y B C2  9  
HETATM 813 C C4  . X6Y A 1 . ? -0.285 1.001  -3.256 1.00 0.00 ?  2 X6Y B C4  9  
HETATM 814 C C3  . X6Y A 1 . ? 0.117  0.291  -1.942 1.00 0.00 ?  2 X6Y B C3  9  
HETATM 815 C C1  . X6Y A 1 . ? 1.343  -1.447 -3.367 1.00 0.00 ?  2 X6Y B C1  9  
HETATM 816 O O5  . X6Y A 1 . ? 0.932  -0.739 -4.514 1.00 0.00 ?  2 X6Y B O5  9  
HETATM 817 O O4  . X6Y A 1 . ? -1.615 0.672  -3.661 1.00 0.00 ?  2 X6Y B O4  9  
HETATM 818 O O3  . X6Y A 1 . ? -0.836 0.460  -0.880 1.00 0.00 ?  2 X6Y B O3  9  
HETATM 819 S S1  . X6Y A 1 . ? 0.938  -3.418 -0.777 1.00 0.00 ?  2 X6Y B S1  9  
HETATM 820 O O6  . X6Y A 1 . ? 1.011  -3.636 0.667  1.00 0.00 -1 2 X6Y B O6  9  
HETATM 821 O O7  . X6Y A 1 . ? -0.289 -3.918 -1.399 1.00 0.00 ?  2 X6Y B O7  9  
HETATM 822 O O8  . X6Y A 1 . ? 2.163  -3.780 -1.492 1.00 0.00 ?  2 X6Y B O8  9  
HETATM 823 O O2  . X6Y A 1 . ? 0.853  -1.765 -0.922 1.00 0.00 ?  2 X6Y B O2  9  
HETATM 824 H H5  . X6Y A 1 . ? 1.727  1.092  -3.999 1.00 0.00 ?  2 X6Y B H5  9  
HETATM 825 H H61 . X6Y A 1 . ? -0.410 0.877  -6.160 1.00 0.00 ?  2 X6Y B H61 9  
HETATM 826 H H63 . X6Y A 1 . ? 1.317  1.118  -6.400 1.00 0.00 ?  2 X6Y B H63 9  
HETATM 827 H H62 . X6Y A 1 . ? 0.354  2.378  -5.637 1.00 0.00 ?  2 X6Y B H62 9  
HETATM 828 H H2  . X6Y A 1 . ? -0.576 -1.578 -2.368 1.00 0.00 ?  2 X6Y B H2  9  
HETATM 829 H H4  . X6Y A 1 . ? -0.276 2.080  -3.095 1.00 0.00 ?  2 X6Y B H4  9  
HETATM 830 H H3  . X6Y A 1 . ? 1.069  0.647  -1.603 1.00 0.00 ?  2 X6Y B H3  9  
HETATM 831 H H1  . X6Y A 1 . ? 1.314  -2.486 -3.705 1.00 0.00 ?  2 X6Y B H1  9  
HETATM 832 H HO4 . X6Y A 1 . ? -2.236 1.180  -3.087 1.00 0.00 ?  2 X6Y B HO4 9  
HETATM 833 C C5  . X2Y A 1 . ? 0.688  1.128  1.515  1.00 0.00 ?  3 X2Y B C5  9  
HETATM 834 C C4  . X2Y A 1 . ? -0.365 1.310  2.629  1.00 0.00 ?  3 X2Y B C4  9  
HETATM 835 C C3  . X2Y A 1 . ? -1.747 0.940  2.038  1.00 0.00 ?  3 X2Y B C3  9  
HETATM 836 C C2  . X2Y A 1 . ? -2.048 1.704  0.758  1.00 0.00 ?  3 X2Y B C2  9  
HETATM 837 C C1  . X2Y A 1 . ? -0.858 1.698  -0.231 1.00 0.00 ?  3 X2Y B C1  9  
HETATM 838 O O5  . X2Y A 1 . ? 0.373  1.968  0.397  1.00 0.00 ?  3 X2Y B O5  9  
HETATM 839 C C6  . X2Y A 1 . ? 2.120  1.459  1.955  1.00 0.00 ?  3 X2Y B C6  9  
HETATM 840 O O3  . X2Y A 1 . ? -2.760 1.100  3.042  1.00 0.00 ?  3 X2Y B O3  9  
HETATM 841 S S1  . X2Y A 1 . ? -4.035 2.251  -0.943 1.00 0.00 ?  3 X2Y B S1  9  
HETATM 842 O O6  . X2Y A 1 . ? -3.200 2.130  -2.140 1.00 0.00 -1 3 X2Y B O6  9  
HETATM 843 O O7  . X2Y A 1 . ? -4.035 3.587  -0.346 1.00 0.00 ?  3 X2Y B O7  9  
HETATM 844 O O8  . X2Y A 1 . ? -5.365 1.659  -1.085 1.00 0.00 ?  3 X2Y B O8  9  
HETATM 845 O O2  . X2Y A 1 . ? -3.289 1.281  0.182  1.00 0.00 ?  3 X2Y B O2  9  
HETATM 846 S S2  . X2Y A 1 . ? -0.121 2.992  4.685  1.00 0.00 ?  3 X2Y B S2  9  
HETATM 847 O O9  . X2Y A 1 . ? 1.175  2.387  4.993  1.00 0.00 -1 3 X2Y B O9  9  
HETATM 848 O O10 . X2Y A 1 . ? -1.249 2.361  5.370  1.00 0.00 ?  3 X2Y B O10 9  
HETATM 849 O O11 . X2Y A 1 . ? -0.129 4.455  4.755  1.00 0.00 ?  3 X2Y B O11 9  
HETATM 850 O O4  . X2Y A 1 . ? -0.368 2.673  3.074  1.00 0.00 ?  3 X2Y B O4  9  
HETATM 851 H H5  . X2Y A 1 . ? 0.686  0.083  1.191  1.00 0.00 ?  3 X2Y B H5  9  
HETATM 852 H H4  . X2Y A 1 . ? -0.109 0.663  3.477  1.00 0.00 ?  3 X2Y B H4  9  
HETATM 853 H H3  . X2Y A 1 . ? -1.762 -0.048 1.636  1.00 0.00 ?  3 X2Y B H3  9  
HETATM 854 H H2  . X2Y A 1 . ? -2.161 2.687  1.138  1.00 0.00 ?  3 X2Y B H2  9  
HETATM 855 H H1  . X2Y A 1 . ? -0.964 2.516  -0.947 1.00 0.00 ?  3 X2Y B H1  9  
HETATM 856 H H61 . X2Y A 1 . ? 2.216  2.506  2.241  1.00 0.00 ?  3 X2Y B H61 9  
HETATM 857 H H63 . X2Y A 1 . ? 2.827  1.272  1.147  1.00 0.00 ?  3 X2Y B H63 9  
HETATM 858 H H62 . X2Y A 1 . ? 2.423  0.851  2.807  1.00 0.00 ?  3 X2Y B H62 9  
HETATM 859 C C5  . X34 A 1 . ? -4.912 1.292  4.891  1.00 0.00 ?  4 X34 B C5  9  
HETATM 860 C C4  . X34 A 1 . ? -4.647 0.131  5.887  1.00 0.00 ?  4 X34 B C4  9  
HETATM 861 C C3  . X34 A 1 . ? -3.352 -0.597 5.457  1.00 0.00 ?  4 X34 B C3  9  
HETATM 862 C C2  . X34 A 1 . ? -3.458 -1.038 3.972  1.00 0.00 ?  4 X34 B C2  9  
HETATM 863 C C1  . X34 A 1 . ? -3.818 0.175  3.077  1.00 0.00 ?  4 X34 B C1  9  
HETATM 864 O O5  . X34 A 1 . ? -4.984 0.814  3.536  1.00 0.00 ?  4 X34 B O5  9  
HETATM 865 C C6  . X34 A 1 . ? -6.200 2.076  5.177  1.00 0.00 ?  4 X34 B C6  9  
HETATM 866 O O3  . X34 A 1 . ? -3.001 -1.660 6.344  1.00 0.00 ?  4 X34 B O3  9  
HETATM 867 O O2  . X34 A 1 . ? -2.322 -1.755 3.500  1.00 0.00 ?  4 X34 B O2  9  
HETATM 868 S S1  . X34 A 1 . ? -6.577 -1.027 7.332  1.00 0.00 ?  4 X34 B S1  9  
HETATM 869 O O6  . X34 A 1 . ? -5.589 -1.594 8.251  1.00 0.00 ?  4 X34 B O6  9  
HETATM 870 O O7  . X34 A 1 . ? -7.061 0.295  7.730  1.00 0.00 -1 4 X34 B O7  9  
HETATM 871 O O8  . X34 A 1 . ? -7.642 -1.963 6.963  1.00 0.00 ?  4 X34 B O8  9  
HETATM 872 O O4  . X34 A 1 . ? -5.759 -0.775 5.905  1.00 0.00 ?  4 X34 B O4  9  
HETATM 873 H H5  . X34 A 1 . ? -4.088 2.007  4.968  1.00 0.00 ?  4 X34 B H5  9  
HETATM 874 H H4  . X34 A 1 . ? -4.506 0.552  6.884  1.00 0.00 ?  4 X34 B H4  9  
HETATM 875 H H3  . X34 A 1 . ? -2.532 0.123  5.534  1.00 0.00 ?  4 X34 B H3  9  
HETATM 876 H H2  . X34 A 1 . ? -4.295 -1.736 3.883  1.00 0.00 ?  4 X34 B H2  9  
HETATM 877 H H1  . X34 A 1 . ? -4.116 -0.134 2.069  1.00 0.00 ?  4 X34 B H1  9  
HETATM 878 H H63 . X34 A 1 . ? -7.083 1.446  5.060  1.00 0.00 ?  4 X34 B H63 9  
HETATM 879 H H62 . X34 A 1 . ? -6.302 2.919  4.493  1.00 0.00 ?  4 X34 B H62 9  
HETATM 880 H H61 . X34 A 1 . ? -6.203 2.473  6.192  1.00 0.00 ?  4 X34 B H61 9  
HETATM 881 H HO3 . X34 A 1 . ? -2.110 -1.968 6.118  1.00 0.00 ?  4 X34 B HO3 9  
HETATM 882 H HO2 . X34 A 1 . ? -2.288 -2.606 3.962  1.00 0.00 ?  4 X34 B HO2 9  
HETATM 883 C C5  . X6Y A 1 . ? 5.758  -2.466 -5.007 1.00 0.00 ?  1 X6Y B C5  10 
HETATM 884 C C6  . X6Y A 1 . ? 6.726  -3.655 -4.892 1.00 0.00 ?  1 X6Y B C6  10 
HETATM 885 C C2  . X6Y A 1 . ? 4.578  0.038  -4.165 1.00 0.00 ?  1 X6Y B C2  10 
HETATM 886 C C4  . X6Y A 1 . ? 4.566  -2.514 -4.010 1.00 0.00 ?  1 X6Y B C4  10 
HETATM 887 C C3  . X6Y A 1 . ? 3.728  -1.214 -4.105 1.00 0.00 ?  1 X6Y B C3  10 
HETATM 888 C C1  . X6Y A 1 . ? 5.806  -0.071 -5.090 1.00 0.00 ?  1 X6Y B C1  10 
HETATM 889 O O5  . X6Y A 1 . ? 6.519  -1.257 -4.849 1.00 0.00 ?  1 X6Y B O5  10 
HETATM 890 O O4  . X6Y A 1 . ? 4.955  -2.789 -2.666 1.00 0.00 ?  1 X6Y B O4  10 
HETATM 891 O O1  . X6Y A 1 . ? 5.408  0.008  -6.398 1.00 0.00 ?  1 X6Y B O1  10 
HETATM 892 O O3  . X6Y A 1 . ? 2.711  -1.079 -3.095 1.00 0.00 ?  1 X6Y B O3  10 
HETATM 893 S S1  . X6Y A 1 . ? 4.031  2.484  -3.301 1.00 0.00 ?  1 X6Y B S1  10 
HETATM 894 O O6  . X6Y A 1 . ? 3.214  3.562  -3.861 1.00 0.00 -1 1 X6Y B O6  10 
HETATM 895 O O7  . X6Y A 1 . ? 3.529  1.947  -2.036 1.00 0.00 ?  1 X6Y B O7  10 
HETATM 896 O O8  . X6Y A 1 . ? 5.471  2.746  -3.313 1.00 0.00 ?  1 X6Y B O8  10 
HETATM 897 O O2  . X6Y A 1 . ? 3.834  1.240  -4.380 1.00 0.00 ?  1 X6Y B O2  10 
HETATM 898 H H5  . X6Y A 1 . ? 5.352  -2.501 -6.021 1.00 0.00 ?  1 X6Y B H5  10 
HETATM 899 H H61 . X6Y A 1 . ? 7.244  -3.655 -3.932 1.00 0.00 ?  1 X6Y B H61 10 
HETATM 900 H H63 . X6Y A 1 . ? 7.484  -3.618 -5.675 1.00 0.00 ?  1 X6Y B H63 10 
HETATM 901 H H62 . X6Y A 1 . ? 6.197  -4.604 -4.987 1.00 0.00 ?  1 X6Y B H62 10 
HETATM 902 H H2  . X6Y A 1 . ? 4.925  -0.007 -3.172 1.00 0.00 ?  1 X6Y B H2  10 
HETATM 903 H H4  . X6Y A 1 . ? 3.942  -3.349 -4.321 1.00 0.00 ?  1 X6Y B H4  10 
HETATM 904 H H3  . X6Y A 1 . ? 3.283  -1.143 -5.051 1.00 0.00 ?  1 X6Y B H3  10 
HETATM 905 H H1  . X6Y A 1 . ? 6.547  0.695  -4.854 1.00 0.00 ?  1 X6Y B H1  10 
HETATM 906 H HO4 . X6Y A 1 . ? 4.161  -3.158 -2.214 1.00 0.00 ?  1 X6Y B HO4 10 
HETATM 907 H HO1 . X6Y A 1 . ? 6.198  0.244  -6.899 1.00 0.00 ?  1 X6Y B HO1 10 
HETATM 908 C C5  . X6Y A 1 . ? 0.491  0.465  -4.198 1.00 0.00 ?  2 X6Y B C5  10 
HETATM 909 C C6  . X6Y A 1 . ? 0.004  1.091  -5.515 1.00 0.00 ?  2 X6Y B C6  10 
HETATM 910 C C2  . X6Y A 1 . ? 0.578  -1.522 -2.091 1.00 0.00 ?  2 X6Y B C2  10 
HETATM 911 C C4  . X6Y A 1 . ? -0.516 0.580  -3.027 1.00 0.00 ?  2 X6Y B C4  10 
HETATM 912 C C3  . X6Y A 1 . ? 0.100  -0.105 -1.786 1.00 0.00 ?  2 X6Y B C3  10 
HETATM 913 C C1  . X6Y A 1 . ? 1.440  -1.587 -3.385 1.00 0.00 ?  2 X6Y B C1  10 
HETATM 914 O O5  . X6Y A 1 . ? 0.839  -0.902 -4.460 1.00 0.00 ?  2 X6Y B O5  10 
HETATM 915 O O4  . X6Y A 1 . ? -1.805 0.054  -3.347 1.00 0.00 ?  2 X6Y B O4  10 
HETATM 916 O O3  . X6Y A 1 . ? -0.765 -0.116 -0.638 1.00 0.00 ?  2 X6Y B O3  10 
HETATM 917 S S1  . X6Y A 1 . ? 1.542  -3.691 -0.869 1.00 0.00 ?  2 X6Y B S1  10 
HETATM 918 O O6  . X6Y A 1 . ? 1.760  -3.949 0.554  1.00 0.00 -1 2 X6Y B O6  10 
HETATM 919 O O7  . X6Y A 1 . ? 0.354  -4.343 -1.423 1.00 0.00 ?  2 X6Y B O7  10 
HETATM 920 O O8  . X6Y A 1 . ? 2.746  -3.843 -1.688 1.00 0.00 ?  2 X6Y B O8  10 
HETATM 921 O O2  . X6Y A 1 . ? 1.210  -2.065 -0.927 1.00 0.00 ?  2 X6Y B O2  10 
HETATM 922 H H5  . X6Y A 1 . ? 1.394  1.007  -3.912 1.00 0.00 ?  2 X6Y B H5  10 
HETATM 923 H H61 . X6Y A 1 . ? -0.858 0.556  -5.915 1.00 0.00 ?  2 X6Y B H61 10 
HETATM 924 H H63 . X6Y A 1 . ? 0.789  1.066  -6.271 1.00 0.00 ?  2 X6Y B H63 10 
HETATM 925 H H62 . X6Y A 1 . ? -0.284 2.134  -5.373 1.00 0.00 ?  2 X6Y B H62 10 
HETATM 926 H H2  . X6Y A 1 . ? -0.349 -2.039 -2.247 1.00 0.00 ?  2 X6Y B H2  10 
HETATM 927 H H4  . X6Y A 1 . ? -0.663 1.640  -2.813 1.00 0.00 ?  2 X6Y B H4  10 
HETATM 928 H H3  . X6Y A 1 . ? 1.018  0.377  -1.514 1.00 0.00 ?  2 X6Y B H3  10 
HETATM 929 H H1  . X6Y A 1 . ? 1.532  -2.605 -3.772 1.00 0.00 ?  2 X6Y B H1  10 
HETATM 930 H HO4 . X6Y A 1 . ? -2.446 0.410  -2.686 1.00 0.00 ?  2 X6Y B HO4 10 
HETATM 931 C C5  . X2Y A 1 . ? 0.914  0.693  1.581  1.00 0.00 ?  3 X2Y B C5  10 
HETATM 932 C C4  . X2Y A 1 . ? 0.000  0.666  2.823  1.00 0.00 ?  3 X2Y B C4  10 
HETATM 933 C C3  . X2Y A 1 . ? -1.384 0.112  2.399  1.00 0.00 ?  3 X2Y B C3  10 
HETATM 934 C C2  . X2Y A 1 . ? -1.956 0.857  1.192  1.00 0.00 ?  3 X2Y B C2  10 
HETATM 935 C C1  . X2Y A 1 . ? -0.905 1.079  0.076  1.00 0.00 ?  3 X2Y B C1  10 
HETATM 936 O O5  . X2Y A 1 . ? 0.332  1.527  0.574  1.00 0.00 ?  3 X2Y B O5  10 
HETATM 937 C C6  . X2Y A 1 . ? 2.328  1.219  1.859  1.00 0.00 ?  3 X2Y B C6  10 
HETATM 938 O O3  . X2Y A 1 . ? -2.187 0.012  3.586  1.00 0.00 ?  3 X2Y B O3  10 
HETATM 939 S S1  . X2Y A 1 . ? -4.150 1.131  -0.314 1.00 0.00 ?  3 X2Y B S1  10 
HETATM 940 O O6  . X2Y A 1 . ? -3.462 1.101  -1.605 1.00 0.00 -1 3 X2Y B O6  10 
HETATM 941 O O7  . X2Y A 1 . ? -4.230 2.465  0.283  1.00 0.00 ?  3 X2Y B O7  10 
HETATM 942 O O8  . X2Y A 1 . ? -5.409 0.388  -0.299 1.00 0.00 ?  3 X2Y B O8  10 
HETATM 943 O O2  . X2Y A 1 . ? -3.161 0.259  0.699  1.00 0.00 ?  3 X2Y B O2  10 
HETATM 944 S S2  . X2Y A 1 . ? 0.291  2.302  4.914  1.00 0.00 ?  3 X2Y B S2  10 
HETATM 945 O O9  . X2Y A 1 . ? 1.687  1.877  5.007  1.00 0.00 -1 3 X2Y B O9  10 
HETATM 946 O O10 . X2Y A 1 . ? -0.629 1.500  5.720  1.00 0.00 ?  3 X2Y B O10 10 
HETATM 947 O O11 . X2Y A 1 . ? 0.095  3.746  5.054  1.00 0.00 ?  3 X2Y B O11 10 
HETATM 948 O O4  . X2Y A 1 . ? -0.146 1.996  3.340  1.00 0.00 ?  3 X2Y B O4  10 
HETATM 949 H H5  . X2Y A 1 . ? 1.022  -0.325 1.198  1.00 0.00 ?  3 X2Y B H5  10 
HETATM 950 H H4  . X2Y A 1 . ? 0.460  0.036  3.594  1.00 0.00 ?  3 X2Y B H4  10 
HETATM 951 H H3  . X2Y A 1 . ? -1.328 -0.862 1.973  1.00 0.00 ?  3 X2Y B H3  10 
HETATM 952 H H2  . X2Y A 1 . ? -2.186 1.791  1.633  1.00 0.00 ?  3 X2Y B H2  10 
HETATM 953 H H1  . X2Y A 1 . ? -1.225 1.893  -0.578 1.00 0.00 ?  3 X2Y B H1  10 
HETATM 954 H H61 . X2Y A 1 . ? 2.307  2.256  2.197  1.00 0.00 ?  3 X2Y B H61 10 
HETATM 955 H H63 . X2Y A 1 . ? 2.941  1.180  0.958  1.00 0.00 ?  3 X2Y B H63 10 
HETATM 956 H H62 . X2Y A 1 . ? 2.828  0.627  2.625  1.00 0.00 ?  3 X2Y B H62 10 
HETATM 957 C C5  . X34 A 1 . ? -4.456 1.562  4.287  1.00 0.00 ?  4 X34 B C5  10 
HETATM 958 C C4  . X34 A 1 . ? -4.870 0.955  5.656  1.00 0.00 ?  4 X34 B C4  10 
HETATM 959 C C3  . X34 A 1 . ? -3.889 -0.189 6.000  1.00 0.00 ?  4 X34 B C3  10 
HETATM 960 C C2  . X34 A 1 . ? -3.841 -1.207 4.828  1.00 0.00 ?  4 X34 B C2  10 
HETATM 961 C C1  . X34 A 1 . ? -3.494 -0.492 3.502  1.00 0.00 ?  4 X34 B C1  10 
HETATM 962 O O5  . X34 A 1 . ? -4.404 0.556  3.259  1.00 0.00 ?  4 X34 B O5  10 
HETATM 963 C C6  . X34 A 1 . ? -5.383 2.683  3.801  1.00 0.00 ?  4 X34 B C6  10 
HETATM 964 O O3  . X34 A 1 . ? -4.166 -0.790 7.266  1.00 0.00 ?  4 X34 B O3  10 
HETATM 965 O O2  . X34 A 1 . ? -2.991 -2.327 5.059  1.00 0.00 ?  4 X34 B O2  10 
HETATM 966 S S1  . X34 A 1 . ? -7.352 1.107  6.642  1.00 0.00 ?  4 X34 B S1  10 
HETATM 967 O O6  . X34 A 1 . ? -6.866 0.785  7.985  1.00 0.00 ?  4 X34 B O6  10 
HETATM 968 O O7  . X34 A 1 . ? -7.374 2.540  6.352  1.00 0.00 -1 4 X34 B O7  10 
HETATM 969 O O8  . X34 A 1 . ? -8.588 0.409  6.281  1.00 0.00 ?  4 X34 B O8  10 
HETATM 970 O O4  . X34 A 1 . ? -6.220 0.472  5.601  1.00 0.00 ?  4 X34 B O4  10 
HETATM 971 H H5  . X34 A 1 . ? -3.462 2.004  4.394  1.00 0.00 ?  4 X34 B H5  10 
HETATM 972 H H4  . X34 A 1 . ? -4.795 1.735  6.419  1.00 0.00 ?  4 X34 B H4  10 
HETATM 973 H H3  . X34 A 1 . ? -2.895 0.252  6.101  1.00 0.00 ?  4 X34 B H3  10 
HETATM 974 H H2  . X34 A 1 . ? -4.843 -1.625 4.696  1.00 0.00 ?  4 X34 B H2  10 
HETATM 975 H H1  . X34 A 1 . ? -3.607 -1.178 2.655  1.00 0.00 ?  4 X34 B H1  10 
HETATM 976 H H63 . X34 A 1 . ? -6.387 2.309  3.601  1.00 0.00 ?  4 X34 B H63 10 
HETATM 977 H H62 . X34 A 1 . ? -5.007 3.126  2.879  1.00 0.00 ?  4 X34 B H62 10 
HETATM 978 H H61 . X34 A 1 . ? -5.462 3.480  4.540  1.00 0.00 ?  4 X34 B H61 10 
HETATM 979 H HO3 . X34 A 1 . ? -3.422 -1.364 7.504  1.00 0.00 ?  4 X34 B HO3 10 
HETATM 980 H HO2 . X34 A 1 . ? -3.348 -2.827 5.808  1.00 0.00 ?  4 X34 B HO2 10 
# 
